data_2L6R
#
_entry.id   2L6R
#
_entity_poly.entity_id   1
_entity_poly.type   'polypeptide(L)'
_entity_poly.pdbx_seq_one_letter_code
;MVRQEELAAARAALHDLMTGKRVATVQKDGRRVEFTATSVSDLKKYIAELEVQTGMTQRRRG
;
_entity_poly.pdbx_strand_id   A
#
# COMPACT_ATOMS: atom_id res chain seq x y z
N MET A 1 -12.52 0.75 -8.38
CA MET A 1 -11.99 2.14 -8.27
C MET A 1 -10.48 2.12 -8.45
N VAL A 2 -9.89 3.26 -8.73
CA VAL A 2 -8.41 3.31 -8.92
C VAL A 2 -7.72 2.93 -7.61
N ARG A 3 -8.14 3.50 -6.52
CA ARG A 3 -7.49 3.17 -5.22
C ARG A 3 -7.46 1.65 -5.04
N GLN A 4 -8.50 0.97 -5.45
CA GLN A 4 -8.53 -0.51 -5.31
C GLN A 4 -7.28 -1.10 -5.98
N GLU A 5 -6.92 -0.59 -7.13
CA GLU A 5 -5.73 -1.12 -7.84
C GLU A 5 -4.46 -0.69 -7.12
N GLU A 6 -4.34 0.57 -6.80
CA GLU A 6 -3.12 1.04 -6.09
C GLU A 6 -2.92 0.22 -4.80
N LEU A 7 -3.96 -0.42 -4.31
CA LEU A 7 -3.80 -1.23 -3.08
C LEU A 7 -3.13 -2.56 -3.44
N ALA A 8 -3.63 -3.24 -4.44
CA ALA A 8 -3.02 -4.53 -4.83
C ALA A 8 -1.53 -4.33 -5.16
N ALA A 9 -1.16 -3.13 -5.52
CA ALA A 9 0.27 -2.85 -5.85
C ALA A 9 1.08 -2.76 -4.56
N ALA A 10 0.68 -1.89 -3.66
CA ALA A 10 1.44 -1.77 -2.39
C ALA A 10 1.43 -3.14 -1.69
N ARG A 11 0.39 -3.89 -1.90
CA ARG A 11 0.32 -5.23 -1.28
C ARG A 11 1.37 -6.13 -1.95
N ALA A 12 1.39 -6.16 -3.26
CA ALA A 12 2.39 -7.03 -3.96
C ALA A 12 3.76 -6.68 -3.44
N ALA A 13 3.87 -5.54 -2.83
CA ALA A 13 5.17 -5.10 -2.27
C ALA A 13 5.43 -5.85 -0.96
N LEU A 14 4.42 -6.04 -0.14
CA LEU A 14 4.66 -6.78 1.14
C LEU A 14 5.21 -8.17 0.81
N HIS A 15 4.81 -8.74 -0.31
CA HIS A 15 5.32 -10.08 -0.69
C HIS A 15 6.75 -9.95 -1.22
N ASP A 16 7.03 -8.87 -1.89
CA ASP A 16 8.40 -8.66 -2.46
C ASP A 16 9.39 -8.29 -1.36
N LEU A 17 8.91 -7.85 -0.22
CA LEU A 17 9.84 -7.45 0.89
C LEU A 17 10.09 -8.63 1.83
N MET A 18 9.19 -9.59 1.87
CA MET A 18 9.38 -10.75 2.79
C MET A 18 10.13 -11.87 2.04
N THR A 19 10.33 -11.72 0.75
CA THR A 19 11.04 -12.78 -0.02
C THR A 19 12.55 -12.51 -0.02
N GLY A 20 12.98 -11.39 0.51
CA GLY A 20 14.45 -11.07 0.55
C GLY A 20 14.71 -9.72 -0.11
N LYS A 21 14.18 -9.50 -1.29
CA LYS A 21 14.43 -8.21 -1.97
C LYS A 21 14.11 -7.06 -1.01
N ARG A 22 15.11 -6.33 -0.60
CA ARG A 22 14.91 -5.24 0.37
C ARG A 22 14.41 -3.97 -0.34
N VAL A 23 14.97 -3.63 -1.47
CA VAL A 23 14.53 -2.40 -2.19
C VAL A 23 13.29 -2.69 -3.03
N ALA A 24 12.31 -1.83 -2.98
CA ALA A 24 11.06 -2.03 -3.78
C ALA A 24 10.61 -0.68 -4.37
N THR A 25 9.92 -0.70 -5.48
CA THR A 25 9.45 0.58 -6.10
C THR A 25 7.94 0.75 -5.86
N VAL A 26 7.47 1.96 -5.76
CA VAL A 26 6.00 2.18 -5.54
C VAL A 26 5.54 3.45 -6.25
N GLN A 27 4.50 3.35 -7.03
CA GLN A 27 3.97 4.54 -7.74
C GLN A 27 3.02 5.29 -6.79
N LYS A 28 3.34 6.51 -6.42
CA LYS A 28 2.47 7.29 -5.50
C LYS A 28 2.22 8.70 -6.06
N ASP A 29 1.01 9.05 -6.43
CA ASP A 29 0.76 10.43 -6.97
C ASP A 29 1.62 10.62 -8.24
N GLY A 30 1.79 9.59 -9.00
CA GLY A 30 2.61 9.71 -10.25
C GLY A 30 4.08 9.90 -9.89
N ARG A 31 4.42 9.75 -8.63
CA ARG A 31 5.85 9.92 -8.20
C ARG A 31 6.35 8.61 -7.60
N ARG A 32 7.50 8.17 -8.03
CA ARG A 32 8.07 6.88 -7.53
C ARG A 32 8.91 7.09 -6.26
N VAL A 33 8.90 6.12 -5.38
CA VAL A 33 9.72 6.21 -4.13
C VAL A 33 10.24 4.80 -3.82
N GLU A 34 11.42 4.71 -3.27
CA GLU A 34 12.02 3.38 -2.96
C GLU A 34 12.15 3.16 -1.43
N PHE A 35 11.27 2.39 -0.84
CA PHE A 35 11.38 2.12 0.64
C PHE A 35 12.13 0.80 0.83
N THR A 36 12.93 0.70 1.86
CA THR A 36 13.68 -0.57 2.13
C THR A 36 13.05 -1.24 3.36
N ALA A 37 13.28 -2.51 3.59
CA ALA A 37 12.65 -3.17 4.77
C ALA A 37 12.95 -2.38 6.04
N THR A 38 13.85 -1.43 5.97
CA THR A 38 14.18 -0.63 7.18
C THR A 38 12.94 0.10 7.70
N SER A 39 12.01 0.39 6.82
CA SER A 39 10.76 1.13 7.24
C SER A 39 9.52 0.37 6.76
N VAL A 40 9.42 -0.89 7.11
CA VAL A 40 8.23 -1.69 6.68
C VAL A 40 7.02 -1.37 7.58
N SER A 41 7.24 -0.69 8.68
CA SER A 41 6.10 -0.35 9.58
C SER A 41 5.22 0.72 8.94
N ASP A 42 5.82 1.77 8.42
CA ASP A 42 5.02 2.84 7.78
C ASP A 42 4.13 2.23 6.68
N LEU A 43 4.63 1.25 5.96
CA LEU A 43 3.79 0.65 4.89
C LEU A 43 2.56 -0.01 5.53
N LYS A 44 2.72 -0.58 6.70
CA LYS A 44 1.56 -1.22 7.38
C LYS A 44 0.54 -0.13 7.78
N LYS A 45 0.99 0.99 8.26
CA LYS A 45 0.06 2.06 8.69
C LYS A 45 -0.59 2.70 7.44
N TYR A 46 0.18 2.88 6.41
CA TYR A 46 -0.38 3.49 5.16
C TYR A 46 -1.52 2.62 4.64
N ILE A 47 -1.27 1.34 4.49
CA ILE A 47 -2.34 0.43 3.99
C ILE A 47 -3.59 0.61 4.85
N ALA A 48 -3.44 0.52 6.15
CA ALA A 48 -4.61 0.69 7.05
C ALA A 48 -5.35 1.99 6.73
N GLU A 49 -4.64 3.04 6.48
CA GLU A 49 -5.30 4.34 6.17
C GLU A 49 -6.21 4.18 4.95
N LEU A 50 -5.92 3.26 4.07
CA LEU A 50 -6.78 3.07 2.87
C LEU A 50 -8.03 2.28 3.22
N GLU A 51 -7.95 1.38 4.17
CA GLU A 51 -9.16 0.59 4.54
C GLU A 51 -10.17 1.52 5.22
N VAL A 52 -9.70 2.56 5.84
CA VAL A 52 -10.64 3.52 6.52
C VAL A 52 -11.17 4.51 5.48
N GLN A 53 -10.41 4.79 4.46
CA GLN A 53 -10.87 5.75 3.41
C GLN A 53 -11.88 5.06 2.50
N THR A 54 -11.75 3.77 2.31
CA THR A 54 -12.70 3.04 1.42
C THR A 54 -13.94 2.66 2.24
N GLY A 55 -14.11 3.25 3.39
CA GLY A 55 -15.29 2.95 4.23
C GLY A 55 -16.45 3.87 3.86
N MET A 56 -16.28 5.15 4.07
CA MET A 56 -17.36 6.12 3.73
C MET A 56 -17.40 6.32 2.22
N THR A 57 -18.53 6.72 1.69
CA THR A 57 -18.64 6.93 0.22
C THR A 57 -17.87 8.20 -0.18
N GLN A 58 -16.89 8.58 0.60
CA GLN A 58 -16.09 9.80 0.28
C GLN A 58 -16.96 11.04 0.50
N ARG A 59 -18.12 11.09 -0.09
CA ARG A 59 -19.00 12.28 0.10
C ARG A 59 -18.36 13.50 -0.55
N ARG A 60 -17.29 14.00 0.01
CA ARG A 60 -16.62 15.19 -0.58
C ARG A 60 -15.28 15.42 0.12
N ARG A 61 -14.79 16.62 0.12
CA ARG A 61 -13.49 16.92 0.79
C ARG A 61 -13.52 16.36 2.22
N GLY A 62 -12.44 16.50 2.94
CA GLY A 62 -12.41 15.99 4.33
C GLY A 62 -13.33 16.83 5.20
N MET A 1 -11.99 4.60 -10.52
CA MET A 1 -11.31 4.51 -9.20
C MET A 1 -9.83 4.21 -9.41
N VAL A 2 -9.04 4.28 -8.37
CA VAL A 2 -7.57 4.00 -8.51
C VAL A 2 -7.06 3.40 -7.19
N ARG A 3 -7.53 3.91 -6.08
CA ARG A 3 -7.06 3.36 -4.78
C ARG A 3 -7.22 1.84 -4.76
N GLN A 4 -8.23 1.34 -5.43
CA GLN A 4 -8.45 -0.13 -5.46
C GLN A 4 -7.22 -0.81 -6.08
N GLU A 5 -6.79 -0.34 -7.22
CA GLU A 5 -5.60 -0.94 -7.88
C GLU A 5 -4.34 -0.64 -7.07
N GLU A 6 -4.15 0.60 -6.70
CA GLU A 6 -2.94 0.96 -5.90
C GLU A 6 -2.91 0.13 -4.61
N LEU A 7 -4.02 -0.43 -4.20
CA LEU A 7 -4.00 -1.25 -2.95
C LEU A 7 -3.37 -2.60 -3.25
N ALA A 8 -3.83 -3.26 -4.28
CA ALA A 8 -3.25 -4.59 -4.62
C ALA A 8 -1.77 -4.44 -4.99
N ALA A 9 -1.37 -3.26 -5.42
CA ALA A 9 0.04 -3.04 -5.80
C ALA A 9 0.90 -2.89 -4.53
N ALA A 10 0.54 -1.98 -3.67
CA ALA A 10 1.34 -1.82 -2.41
C ALA A 10 1.33 -3.15 -1.67
N ARG A 11 0.30 -3.93 -1.86
CA ARG A 11 0.24 -5.25 -1.18
C ARG A 11 1.29 -6.16 -1.84
N ALA A 12 1.28 -6.24 -3.16
CA ALA A 12 2.27 -7.11 -3.84
C ALA A 12 3.66 -6.73 -3.35
N ALA A 13 3.77 -5.57 -2.80
CA ALA A 13 5.07 -5.10 -2.27
C ALA A 13 5.37 -5.81 -0.94
N LEU A 14 4.37 -5.98 -0.10
CA LEU A 14 4.64 -6.65 1.20
C LEU A 14 5.19 -8.07 0.93
N HIS A 15 4.76 -8.69 -0.14
CA HIS A 15 5.26 -10.05 -0.46
C HIS A 15 6.66 -9.95 -1.06
N ASP A 16 6.92 -8.90 -1.79
CA ASP A 16 8.27 -8.74 -2.41
C ASP A 16 9.30 -8.29 -1.37
N LEU A 17 8.86 -7.86 -0.21
CA LEU A 17 9.83 -7.40 0.84
C LEU A 17 10.15 -8.53 1.81
N MET A 18 9.26 -9.48 1.99
CA MET A 18 9.54 -10.61 2.94
C MET A 18 10.19 -11.77 2.18
N THR A 19 10.28 -11.70 0.87
CA THR A 19 10.89 -12.82 0.09
C THR A 19 12.40 -12.60 -0.03
N GLY A 20 12.91 -11.48 0.41
CA GLY A 20 14.38 -11.22 0.32
C GLY A 20 14.66 -9.85 -0.30
N LYS A 21 14.06 -9.54 -1.42
CA LYS A 21 14.30 -8.22 -2.05
C LYS A 21 13.99 -7.12 -1.04
N ARG A 22 14.98 -6.37 -0.65
CA ARG A 22 14.76 -5.30 0.35
C ARG A 22 14.22 -4.03 -0.32
N VAL A 23 14.74 -3.67 -1.46
CA VAL A 23 14.25 -2.43 -2.16
C VAL A 23 13.02 -2.76 -3.00
N ALA A 24 11.99 -1.95 -2.91
CA ALA A 24 10.75 -2.17 -3.71
C ALA A 24 10.34 -0.85 -4.37
N THR A 25 9.68 -0.92 -5.49
CA THR A 25 9.25 0.35 -6.20
C THR A 25 7.75 0.56 -6.01
N VAL A 26 7.32 1.79 -5.83
CA VAL A 26 5.87 2.06 -5.65
C VAL A 26 5.51 3.43 -6.27
N GLN A 27 4.50 3.46 -7.09
CA GLN A 27 4.10 4.75 -7.71
C GLN A 27 3.20 5.50 -6.70
N LYS A 28 3.57 6.70 -6.36
CA LYS A 28 2.75 7.49 -5.37
C LYS A 28 2.61 8.94 -5.88
N ASP A 29 1.47 9.56 -5.74
CA ASP A 29 1.31 10.98 -6.23
C ASP A 29 1.98 11.14 -7.60
N GLY A 30 2.07 10.07 -8.35
CA GLY A 30 2.69 10.16 -9.71
C GLY A 30 4.20 9.90 -9.63
N ARG A 31 4.83 10.31 -8.56
CA ARG A 31 6.29 10.08 -8.42
C ARG A 31 6.54 8.73 -7.74
N ARG A 32 7.56 8.05 -8.17
CA ARG A 32 7.89 6.71 -7.60
C ARG A 32 8.91 6.86 -6.46
N VAL A 33 8.84 6.00 -5.48
CA VAL A 33 9.81 6.08 -4.33
C VAL A 33 10.23 4.66 -3.96
N GLU A 34 11.46 4.50 -3.51
CA GLU A 34 11.98 3.15 -3.16
C GLU A 34 12.18 3.02 -1.63
N PHE A 35 11.29 2.33 -0.95
CA PHE A 35 11.45 2.15 0.53
C PHE A 35 12.18 0.82 0.78
N THR A 36 13.03 0.78 1.77
CA THR A 36 13.78 -0.49 2.08
C THR A 36 13.11 -1.14 3.31
N ALA A 37 13.34 -2.40 3.57
CA ALA A 37 12.69 -3.04 4.77
C ALA A 37 13.00 -2.24 6.03
N THR A 38 13.92 -1.32 5.97
CA THR A 38 14.27 -0.53 7.19
C THR A 38 13.02 0.18 7.72
N SER A 39 12.08 0.50 6.88
CA SER A 39 10.84 1.21 7.33
C SER A 39 9.60 0.48 6.79
N VAL A 40 9.48 -0.79 7.06
CA VAL A 40 8.28 -1.54 6.56
C VAL A 40 7.05 -1.22 7.42
N SER A 41 7.24 -0.56 8.55
CA SER A 41 6.08 -0.23 9.41
C SER A 41 5.24 0.89 8.77
N ASP A 42 5.89 1.90 8.25
CA ASP A 42 5.14 3.02 7.61
C ASP A 42 4.24 2.43 6.51
N LEU A 43 4.64 1.36 5.87
CA LEU A 43 3.78 0.79 4.81
C LEU A 43 2.54 0.17 5.47
N LYS A 44 2.70 -0.40 6.63
CA LYS A 44 1.52 -1.00 7.34
C LYS A 44 0.53 0.12 7.69
N LYS A 45 1.01 1.19 8.26
CA LYS A 45 0.11 2.31 8.64
C LYS A 45 -0.56 2.90 7.40
N TYR A 46 0.20 3.07 6.35
CA TYR A 46 -0.38 3.64 5.10
C TYR A 46 -1.52 2.74 4.61
N ILE A 47 -1.28 1.47 4.50
CA ILE A 47 -2.34 0.54 4.05
C ILE A 47 -3.58 0.71 4.94
N ALA A 48 -3.38 0.68 6.23
CA ALA A 48 -4.53 0.82 7.17
C ALA A 48 -5.34 2.07 6.83
N GLU A 49 -4.69 3.16 6.56
CA GLU A 49 -5.42 4.42 6.26
C GLU A 49 -6.33 4.23 5.04
N LEU A 50 -5.99 3.35 4.13
CA LEU A 50 -6.84 3.15 2.92
C LEU A 50 -8.01 2.20 3.24
N GLU A 51 -7.82 1.24 4.11
CA GLU A 51 -8.93 0.32 4.44
C GLU A 51 -10.08 1.12 5.07
N VAL A 52 -9.76 2.18 5.76
CA VAL A 52 -10.83 3.00 6.40
C VAL A 52 -11.41 3.98 5.37
N GLN A 53 -10.62 4.41 4.42
CA GLN A 53 -11.14 5.35 3.40
C GLN A 53 -11.92 4.58 2.33
N THR A 54 -11.48 3.40 1.98
CA THR A 54 -12.20 2.59 0.95
C THR A 54 -13.21 1.67 1.63
N GLY A 55 -13.75 2.09 2.74
CA GLY A 55 -14.74 1.24 3.46
C GLY A 55 -16.08 1.27 2.69
N MET A 56 -16.03 1.42 1.39
CA MET A 56 -17.29 1.44 0.61
C MET A 56 -17.89 0.03 0.56
N THR A 57 -19.20 -0.06 0.59
CA THR A 57 -19.84 -1.41 0.55
C THR A 57 -21.36 -1.23 0.47
N GLN A 58 -21.83 -0.50 -0.50
CA GLN A 58 -23.30 -0.30 -0.63
C GLN A 58 -23.93 -1.49 -1.36
N ARG A 59 -25.18 -1.39 -1.73
CA ARG A 59 -25.84 -2.51 -2.45
C ARG A 59 -27.16 -2.04 -3.03
N ARG A 60 -27.12 -1.39 -4.17
CA ARG A 60 -28.38 -0.89 -4.79
C ARG A 60 -29.27 -2.08 -5.17
N ARG A 61 -30.54 -1.85 -5.31
CA ARG A 61 -31.47 -2.97 -5.68
C ARG A 61 -31.36 -4.07 -4.63
N GLY A 62 -32.28 -4.10 -3.70
CA GLY A 62 -32.23 -5.16 -2.64
C GLY A 62 -33.39 -4.96 -1.66
N MET A 1 -11.87 5.16 -7.53
CA MET A 1 -11.75 3.69 -7.74
C MET A 1 -10.30 3.34 -8.00
N VAL A 2 -9.50 4.29 -8.41
CA VAL A 2 -8.07 4.01 -8.68
C VAL A 2 -7.38 3.55 -7.39
N ARG A 3 -7.96 3.86 -6.26
CA ARG A 3 -7.34 3.45 -4.98
C ARG A 3 -7.37 1.92 -4.86
N GLN A 4 -8.34 1.29 -5.47
CA GLN A 4 -8.42 -0.19 -5.39
C GLN A 4 -7.18 -0.81 -6.05
N GLU A 5 -6.76 -0.26 -7.17
CA GLU A 5 -5.56 -0.81 -7.87
C GLU A 5 -4.30 -0.42 -7.09
N GLU A 6 -4.16 0.83 -6.74
CA GLU A 6 -2.94 1.25 -6.00
C GLU A 6 -2.80 0.40 -4.73
N LEU A 7 -3.87 -0.22 -4.28
CA LEU A 7 -3.76 -1.08 -3.06
C LEU A 7 -3.11 -2.40 -3.45
N ALA A 8 -3.61 -3.05 -4.47
CA ALA A 8 -3.03 -4.35 -4.89
C ALA A 8 -1.54 -4.16 -5.21
N ALA A 9 -1.15 -2.97 -5.57
CA ALA A 9 0.28 -2.71 -5.90
C ALA A 9 1.10 -2.62 -4.61
N ALA A 10 0.72 -1.77 -3.71
CA ALA A 10 1.49 -1.65 -2.43
C ALA A 10 1.46 -3.02 -1.75
N ARG A 11 0.41 -3.77 -1.96
CA ARG A 11 0.32 -5.11 -1.35
C ARG A 11 1.35 -6.02 -2.02
N ALA A 12 1.39 -6.05 -3.33
CA ALA A 12 2.38 -6.92 -4.03
C ALA A 12 3.76 -6.59 -3.51
N ALA A 13 3.90 -5.46 -2.91
CA ALA A 13 5.21 -5.04 -2.35
C ALA A 13 5.45 -5.73 -1.01
N LEU A 14 4.43 -5.92 -0.22
CA LEU A 14 4.65 -6.60 1.09
C LEU A 14 5.11 -8.04 0.83
N HIS A 15 4.69 -8.63 -0.26
CA HIS A 15 5.12 -10.02 -0.56
C HIS A 15 6.57 -10.00 -1.07
N ASP A 16 6.94 -8.95 -1.75
CA ASP A 16 8.33 -8.86 -2.29
C ASP A 16 9.30 -8.53 -1.16
N LEU A 17 8.89 -7.74 -0.21
CA LEU A 17 9.81 -7.36 0.91
C LEU A 17 9.98 -8.53 1.88
N MET A 18 9.03 -9.44 1.94
CA MET A 18 9.15 -10.59 2.89
C MET A 18 9.88 -11.75 2.19
N THR A 19 10.11 -11.65 0.90
CA THR A 19 10.80 -12.76 0.18
C THR A 19 12.31 -12.47 0.11
N GLY A 20 12.74 -11.32 0.54
CA GLY A 20 14.20 -10.98 0.51
C GLY A 20 14.43 -9.63 -0.19
N LYS A 21 13.79 -9.41 -1.31
CA LYS A 21 13.99 -8.11 -2.02
C LYS A 21 13.83 -6.97 -1.03
N ARG A 22 14.93 -6.42 -0.55
CA ARG A 22 14.85 -5.32 0.43
C ARG A 22 14.38 -4.04 -0.26
N VAL A 23 14.98 -3.68 -1.36
CA VAL A 23 14.57 -2.44 -2.07
C VAL A 23 13.38 -2.72 -2.99
N ALA A 24 12.38 -1.87 -2.96
CA ALA A 24 11.18 -2.06 -3.83
C ALA A 24 10.71 -0.70 -4.34
N THR A 25 10.07 -0.66 -5.48
CA THR A 25 9.59 0.64 -6.04
C THR A 25 8.07 0.76 -5.84
N VAL A 26 7.56 1.97 -5.79
CA VAL A 26 6.09 2.16 -5.60
C VAL A 26 5.63 3.41 -6.35
N GLN A 27 4.58 3.28 -7.12
CA GLN A 27 4.05 4.45 -7.86
C GLN A 27 3.08 5.22 -6.95
N LYS A 28 3.38 6.46 -6.64
CA LYS A 28 2.49 7.26 -5.73
C LYS A 28 2.27 8.66 -6.33
N ASP A 29 1.05 9.01 -6.72
CA ASP A 29 0.82 10.38 -7.30
C ASP A 29 1.77 10.59 -8.47
N GLY A 30 1.90 9.61 -9.32
CA GLY A 30 2.81 9.76 -10.50
C GLY A 30 4.23 10.04 -10.02
N ARG A 31 4.59 9.57 -8.85
CA ARG A 31 5.97 9.80 -8.31
C ARG A 31 6.49 8.49 -7.74
N ARG A 32 7.69 8.13 -8.09
CA ARG A 32 8.30 6.85 -7.61
C ARG A 32 9.10 7.05 -6.32
N VAL A 33 9.07 6.06 -5.45
CA VAL A 33 9.86 6.14 -4.17
C VAL A 33 10.40 4.74 -3.88
N GLU A 34 11.57 4.67 -3.31
CA GLU A 34 12.21 3.34 -3.01
C GLU A 34 12.29 3.11 -1.49
N PHE A 35 11.40 2.30 -0.93
CA PHE A 35 11.47 2.02 0.55
C PHE A 35 12.25 0.72 0.76
N THR A 36 13.00 0.62 1.84
CA THR A 36 13.76 -0.62 2.15
C THR A 36 13.11 -1.30 3.37
N ALA A 37 13.36 -2.57 3.62
CA ALA A 37 12.70 -3.22 4.80
C ALA A 37 12.98 -2.41 6.08
N THR A 38 13.88 -1.47 6.02
CA THR A 38 14.20 -0.67 7.24
C THR A 38 12.95 0.09 7.71
N SER A 39 12.04 0.37 6.81
CA SER A 39 10.80 1.13 7.19
C SER A 39 9.55 0.39 6.69
N VAL A 40 9.41 -0.86 7.03
CA VAL A 40 8.21 -1.62 6.57
C VAL A 40 6.99 -1.30 7.45
N SER A 41 7.18 -0.63 8.56
CA SER A 41 6.02 -0.30 9.43
C SER A 41 5.20 0.83 8.79
N ASP A 42 5.84 1.86 8.31
CA ASP A 42 5.07 2.98 7.69
C ASP A 42 4.18 2.42 6.57
N LEU A 43 4.59 1.34 5.93
CA LEU A 43 3.74 0.77 4.86
C LEU A 43 2.51 0.14 5.50
N LYS A 44 2.65 -0.46 6.65
CA LYS A 44 1.46 -1.07 7.32
C LYS A 44 0.48 0.05 7.68
N LYS A 45 0.94 1.12 8.27
CA LYS A 45 0.03 2.23 8.66
C LYS A 45 -0.63 2.81 7.40
N TYR A 46 0.12 3.00 6.36
CA TYR A 46 -0.45 3.56 5.11
C TYR A 46 -1.59 2.66 4.61
N ILE A 47 -1.31 1.39 4.48
CA ILE A 47 -2.37 0.45 4.01
C ILE A 47 -3.60 0.60 4.92
N ALA A 48 -3.41 0.52 6.20
CA ALA A 48 -4.55 0.63 7.14
C ALA A 48 -5.34 1.92 6.86
N GLU A 49 -4.67 3.00 6.58
CA GLU A 49 -5.39 4.27 6.30
C GLU A 49 -6.34 4.09 5.10
N LEU A 50 -6.04 3.20 4.21
CA LEU A 50 -6.92 3.00 3.02
C LEU A 50 -8.09 2.08 3.38
N GLU A 51 -7.88 1.15 4.28
CA GLU A 51 -8.99 0.23 4.66
C GLU A 51 -10.09 1.01 5.37
N VAL A 52 -9.74 2.05 6.10
CA VAL A 52 -10.78 2.84 6.81
C VAL A 52 -11.39 3.88 5.86
N GLN A 53 -10.64 4.33 4.89
CA GLN A 53 -11.18 5.35 3.95
C GLN A 53 -12.10 4.67 2.93
N THR A 54 -11.79 3.49 2.50
CA THR A 54 -12.64 2.78 1.50
C THR A 54 -13.75 2.03 2.23
N GLY A 55 -14.02 2.38 3.45
CA GLY A 55 -15.10 1.66 4.21
C GLY A 55 -14.94 0.15 4.05
N MET A 56 -13.93 -0.41 4.67
CA MET A 56 -13.72 -1.88 4.54
C MET A 56 -12.65 -2.34 5.55
N THR A 57 -12.91 -3.40 6.26
CA THR A 57 -11.91 -3.88 7.26
C THR A 57 -12.10 -5.39 7.47
N GLN A 58 -13.17 -5.95 6.95
CA GLN A 58 -13.41 -7.40 7.12
C GLN A 58 -12.64 -8.17 6.05
N ARG A 59 -12.55 -7.63 4.87
CA ARG A 59 -11.81 -8.34 3.78
C ARG A 59 -12.32 -9.78 3.67
N ARG A 60 -13.59 -9.95 3.37
CA ARG A 60 -14.15 -11.32 3.26
C ARG A 60 -13.73 -12.15 4.46
N ARG A 61 -13.17 -13.31 4.24
CA ARG A 61 -12.74 -14.17 5.38
C ARG A 61 -11.41 -13.65 5.94
N GLY A 62 -11.34 -12.38 6.23
CA GLY A 62 -10.08 -11.81 6.78
C GLY A 62 -9.83 -12.36 8.18
N MET A 1 -11.90 3.63 -8.98
CA MET A 1 -11.39 2.26 -8.66
C MET A 1 -9.86 2.29 -8.64
N VAL A 2 -9.27 3.40 -8.98
CA VAL A 2 -7.78 3.49 -8.99
C VAL A 2 -7.24 3.15 -7.59
N ARG A 3 -7.98 3.45 -6.57
CA ARG A 3 -7.51 3.15 -5.19
C ARG A 3 -7.51 1.64 -4.97
N GLN A 4 -8.36 0.92 -5.66
CA GLN A 4 -8.40 -0.55 -5.49
C GLN A 4 -7.17 -1.17 -6.16
N GLU A 5 -6.73 -0.61 -7.26
CA GLU A 5 -5.55 -1.16 -7.97
C GLU A 5 -4.27 -0.80 -7.20
N GLU A 6 -4.10 0.44 -6.84
CA GLU A 6 -2.87 0.84 -6.11
C GLU A 6 -2.76 0.04 -4.80
N LEU A 7 -3.84 -0.53 -4.32
CA LEU A 7 -3.76 -1.32 -3.07
C LEU A 7 -3.16 -2.69 -3.39
N ALA A 8 -3.68 -3.37 -4.37
CA ALA A 8 -3.13 -4.71 -4.73
C ALA A 8 -1.64 -4.58 -5.06
N ALA A 9 -1.23 -3.43 -5.51
CA ALA A 9 0.21 -3.23 -5.86
C ALA A 9 1.02 -3.06 -4.58
N ALA A 10 0.65 -2.13 -3.74
CA ALA A 10 1.40 -1.94 -2.47
C ALA A 10 1.40 -3.28 -1.73
N ARG A 11 0.37 -4.06 -1.93
CA ARG A 11 0.30 -5.38 -1.27
C ARG A 11 1.35 -6.31 -1.90
N ALA A 12 1.38 -6.39 -3.22
CA ALA A 12 2.38 -7.26 -3.89
C ALA A 12 3.76 -6.90 -3.36
N ALA A 13 3.86 -5.75 -2.80
CA ALA A 13 5.15 -5.28 -2.24
C ALA A 13 5.41 -6.00 -0.91
N LEU A 14 4.41 -6.13 -0.07
CA LEU A 14 4.64 -6.81 1.23
C LEU A 14 5.19 -8.22 0.95
N HIS A 15 4.80 -8.82 -0.15
CA HIS A 15 5.32 -10.18 -0.47
C HIS A 15 6.76 -10.07 -0.98
N ASP A 16 7.07 -9.01 -1.68
CA ASP A 16 8.44 -8.85 -2.23
C ASP A 16 9.41 -8.41 -1.11
N LEU A 17 8.92 -7.78 -0.07
CA LEU A 17 9.83 -7.32 1.02
C LEU A 17 10.14 -8.48 1.98
N MET A 18 9.27 -9.45 2.10
CA MET A 18 9.55 -10.59 3.04
C MET A 18 10.25 -11.73 2.27
N THR A 19 10.33 -11.63 0.97
CA THR A 19 11.00 -12.72 0.19
C THR A 19 12.49 -12.40 0.00
N GLY A 20 12.92 -11.22 0.41
CA GLY A 20 14.38 -10.85 0.27
C GLY A 20 14.51 -9.49 -0.43
N LYS A 21 13.86 -9.30 -1.54
CA LYS A 21 13.97 -7.99 -2.25
C LYS A 21 13.68 -6.88 -1.27
N ARG A 22 14.70 -6.35 -0.67
CA ARG A 22 14.52 -5.26 0.32
C ARG A 22 14.03 -3.99 -0.37
N VAL A 23 14.70 -3.58 -1.42
CA VAL A 23 14.25 -2.34 -2.14
C VAL A 23 13.04 -2.67 -3.02
N ALA A 24 12.02 -1.85 -2.98
CA ALA A 24 10.82 -2.07 -3.82
C ALA A 24 10.38 -0.73 -4.43
N THR A 25 9.74 -0.76 -5.57
CA THR A 25 9.29 0.52 -6.22
C THR A 25 7.79 0.71 -6.02
N VAL A 26 7.34 1.94 -5.84
CA VAL A 26 5.89 2.19 -5.64
C VAL A 26 5.49 3.52 -6.29
N GLN A 27 4.48 3.51 -7.10
CA GLN A 27 4.02 4.76 -7.76
C GLN A 27 3.11 5.51 -6.78
N LYS A 28 3.50 6.69 -6.35
CA LYS A 28 2.68 7.46 -5.37
C LYS A 28 2.57 8.93 -5.84
N ASP A 29 1.38 9.50 -5.91
CA ASP A 29 1.28 10.93 -6.37
C ASP A 29 2.02 11.09 -7.70
N GLY A 30 2.05 10.07 -8.50
CA GLY A 30 2.75 10.17 -9.81
C GLY A 30 4.25 10.01 -9.60
N ARG A 31 4.75 10.37 -8.44
CA ARG A 31 6.21 10.23 -8.17
C ARG A 31 6.50 8.85 -7.58
N ARG A 32 7.59 8.26 -7.97
CA ARG A 32 7.97 6.90 -7.48
C ARG A 32 8.91 7.03 -6.27
N VAL A 33 8.85 6.12 -5.35
CA VAL A 33 9.76 6.16 -4.16
C VAL A 33 10.21 4.74 -3.85
N GLU A 34 11.41 4.59 -3.35
CA GLU A 34 11.97 3.23 -3.04
C GLU A 34 12.12 3.04 -1.51
N PHE A 35 11.23 2.31 -0.89
CA PHE A 35 11.36 2.06 0.59
C PHE A 35 12.09 0.74 0.79
N THR A 36 12.93 0.64 1.79
CA THR A 36 13.66 -0.64 2.06
C THR A 36 13.02 -1.31 3.30
N ALA A 37 13.36 -2.54 3.59
CA ALA A 37 12.75 -3.20 4.79
C ALA A 37 13.01 -2.36 6.05
N THR A 38 13.88 -1.39 5.95
CA THR A 38 14.20 -0.55 7.15
C THR A 38 12.95 0.21 7.60
N SER A 39 12.01 0.44 6.71
CA SER A 39 10.76 1.20 7.08
C SER A 39 9.52 0.42 6.63
N VAL A 40 9.41 -0.82 7.04
CA VAL A 40 8.22 -1.63 6.63
C VAL A 40 7.00 -1.28 7.52
N SER A 41 7.21 -0.56 8.59
CA SER A 41 6.07 -0.20 9.48
C SER A 41 5.21 0.87 8.80
N ASP A 42 5.81 1.88 8.25
CA ASP A 42 5.02 2.95 7.58
C ASP A 42 4.13 2.32 6.49
N LEU A 43 4.61 1.31 5.80
CA LEU A 43 3.77 0.69 4.74
C LEU A 43 2.55 0.06 5.40
N LYS A 44 2.71 -0.49 6.58
CA LYS A 44 1.54 -1.10 7.28
C LYS A 44 0.53 0.00 7.65
N LYS A 45 1.00 1.11 8.14
CA LYS A 45 0.07 2.20 8.52
C LYS A 45 -0.59 2.79 7.26
N TYR A 46 0.17 2.96 6.22
CA TYR A 46 -0.41 3.52 4.97
C TYR A 46 -1.55 2.63 4.48
N ILE A 47 -1.30 1.35 4.37
CA ILE A 47 -2.38 0.42 3.92
C ILE A 47 -3.61 0.62 4.80
N ALA A 48 -3.43 0.53 6.10
CA ALA A 48 -4.58 0.68 7.03
C ALA A 48 -5.31 2.00 6.74
N GLU A 49 -4.59 3.05 6.46
CA GLU A 49 -5.25 4.36 6.18
C GLU A 49 -6.21 4.21 4.99
N LEU A 50 -5.95 3.29 4.11
CA LEU A 50 -6.85 3.12 2.93
C LEU A 50 -8.08 2.31 3.32
N GLU A 51 -7.95 1.40 4.26
CA GLU A 51 -9.12 0.58 4.67
C GLU A 51 -10.16 1.50 5.33
N VAL A 52 -9.72 2.54 5.96
CA VAL A 52 -10.69 3.47 6.62
C VAL A 52 -11.25 4.44 5.57
N GLN A 53 -10.48 4.75 4.56
CA GLN A 53 -10.99 5.69 3.51
C GLN A 53 -11.90 4.94 2.55
N THR A 54 -11.59 3.71 2.24
CA THR A 54 -12.44 2.91 1.31
C THR A 54 -13.37 2.02 2.13
N GLY A 55 -13.51 2.28 3.40
CA GLY A 55 -14.40 1.46 4.27
C GLY A 55 -15.72 2.20 4.49
N MET A 56 -16.72 1.90 3.70
CA MET A 56 -18.03 2.59 3.86
C MET A 56 -18.78 1.98 5.04
N THR A 57 -19.77 2.65 5.55
CA THR A 57 -20.55 2.10 6.69
C THR A 57 -21.54 1.05 6.18
N GLN A 58 -21.64 -0.06 6.86
CA GLN A 58 -22.58 -1.13 6.42
C GLN A 58 -23.99 -0.79 6.90
N ARG A 59 -24.89 -0.54 5.99
CA ARG A 59 -26.29 -0.22 6.39
C ARG A 59 -26.28 0.99 7.33
N ARG A 60 -26.69 2.14 6.85
CA ARG A 60 -26.70 3.34 7.71
C ARG A 60 -27.42 4.49 6.98
N ARG A 61 -28.57 4.22 6.42
CA ARG A 61 -29.30 5.28 5.69
C ARG A 61 -30.00 6.21 6.70
N GLY A 62 -30.55 5.64 7.74
CA GLY A 62 -31.24 6.49 8.76
C GLY A 62 -31.77 5.60 9.89
N MET A 1 -12.29 4.57 -10.72
CA MET A 1 -11.66 4.13 -9.45
C MET A 1 -10.16 3.88 -9.66
N VAL A 2 -9.36 4.07 -8.65
CA VAL A 2 -7.90 3.84 -8.79
C VAL A 2 -7.33 3.34 -7.46
N ARG A 3 -7.79 3.88 -6.37
CA ARG A 3 -7.28 3.43 -5.04
C ARG A 3 -7.41 1.92 -4.92
N GLN A 4 -8.28 1.33 -5.71
CA GLN A 4 -8.45 -0.15 -5.66
C GLN A 4 -7.22 -0.82 -6.28
N GLU A 5 -6.85 -0.40 -7.46
CA GLU A 5 -5.66 -1.00 -8.13
C GLU A 5 -4.39 -0.60 -7.37
N GLU A 6 -4.31 0.63 -6.93
CA GLU A 6 -3.09 1.05 -6.19
C GLU A 6 -2.99 0.27 -4.86
N LEU A 7 -4.07 -0.32 -4.42
CA LEU A 7 -4.02 -1.10 -3.15
C LEU A 7 -3.32 -2.43 -3.41
N ALA A 8 -3.72 -3.10 -4.45
CA ALA A 8 -3.09 -4.42 -4.77
C ALA A 8 -1.59 -4.22 -5.08
N ALA A 9 -1.21 -3.04 -5.49
CA ALA A 9 0.23 -2.79 -5.81
C ALA A 9 1.05 -2.67 -4.52
N ALA A 10 0.67 -1.78 -3.65
CA ALA A 10 1.43 -1.65 -2.38
C ALA A 10 1.42 -3.00 -1.68
N ARG A 11 0.40 -3.77 -1.91
CA ARG A 11 0.32 -5.11 -1.28
C ARG A 11 1.35 -6.03 -1.96
N ALA A 12 1.35 -6.08 -3.27
CA ALA A 12 2.34 -6.97 -3.96
C ALA A 12 3.74 -6.62 -3.48
N ALA A 13 3.87 -5.47 -2.92
CA ALA A 13 5.19 -5.03 -2.40
C ALA A 13 5.46 -5.69 -1.05
N LEU A 14 4.45 -5.87 -0.23
CA LEU A 14 4.69 -6.52 1.09
C LEU A 14 5.13 -7.97 0.86
N HIS A 15 4.70 -8.58 -0.22
CA HIS A 15 5.11 -9.98 -0.49
C HIS A 15 6.54 -9.98 -1.01
N ASP A 16 6.92 -8.96 -1.72
CA ASP A 16 8.31 -8.90 -2.26
C ASP A 16 9.31 -8.55 -1.14
N LEU A 17 8.90 -7.74 -0.21
CA LEU A 17 9.83 -7.35 0.90
C LEU A 17 10.00 -8.50 1.89
N MET A 18 9.05 -9.40 1.96
CA MET A 18 9.17 -10.54 2.93
C MET A 18 9.92 -11.70 2.26
N THR A 19 10.15 -11.64 0.97
CA THR A 19 10.87 -12.75 0.29
C THR A 19 12.38 -12.46 0.23
N GLY A 20 12.79 -11.29 0.66
CA GLY A 20 14.25 -10.94 0.65
C GLY A 20 14.47 -9.63 -0.10
N LYS A 21 13.85 -9.47 -1.25
CA LYS A 21 14.03 -8.20 -2.02
C LYS A 21 13.84 -7.01 -1.07
N ARG A 22 14.92 -6.45 -0.60
CA ARG A 22 14.80 -5.31 0.34
C ARG A 22 14.37 -4.04 -0.39
N VAL A 23 14.97 -3.75 -1.51
CA VAL A 23 14.57 -2.51 -2.26
C VAL A 23 13.35 -2.80 -3.15
N ALA A 24 12.37 -1.94 -3.11
CA ALA A 24 11.15 -2.12 -3.96
C ALA A 24 10.66 -0.76 -4.44
N THR A 25 9.99 -0.72 -5.57
CA THR A 25 9.49 0.59 -6.11
C THR A 25 7.99 0.73 -5.84
N VAL A 26 7.50 1.93 -5.75
CA VAL A 26 6.04 2.13 -5.50
C VAL A 26 5.55 3.42 -6.18
N GLN A 27 4.46 3.33 -6.88
CA GLN A 27 3.89 4.53 -7.56
C GLN A 27 3.06 5.31 -6.54
N LYS A 28 3.44 6.54 -6.24
CA LYS A 28 2.68 7.36 -5.23
C LYS A 28 2.36 8.74 -5.81
N ASP A 29 1.10 9.09 -6.00
CA ASP A 29 0.78 10.45 -6.56
C ASP A 29 1.55 10.66 -7.86
N GLY A 30 1.75 9.62 -8.63
CA GLY A 30 2.47 9.76 -9.91
C GLY A 30 3.95 10.02 -9.65
N ARG A 31 4.49 9.49 -8.58
CA ARG A 31 5.94 9.70 -8.26
C ARG A 31 6.51 8.39 -7.70
N ARG A 32 7.67 8.02 -8.16
CA ARG A 32 8.31 6.75 -7.72
C ARG A 32 9.15 6.96 -6.46
N VAL A 33 9.11 6.01 -5.56
CA VAL A 33 9.92 6.09 -4.30
C VAL A 33 10.40 4.69 -3.95
N GLU A 34 11.58 4.58 -3.40
CA GLU A 34 12.15 3.23 -3.06
C GLU A 34 12.31 3.06 -1.54
N PHE A 35 11.41 2.32 -0.90
CA PHE A 35 11.55 2.09 0.57
C PHE A 35 12.27 0.75 0.77
N THR A 36 13.11 0.65 1.77
CA THR A 36 13.83 -0.65 2.03
C THR A 36 13.18 -1.31 3.25
N ALA A 37 13.46 -2.56 3.52
CA ALA A 37 12.83 -3.24 4.70
C ALA A 37 13.09 -2.41 5.97
N THR A 38 13.97 -1.45 5.90
CA THR A 38 14.27 -0.62 7.10
C THR A 38 13.03 0.16 7.53
N SER A 39 12.11 0.39 6.64
CA SER A 39 10.87 1.16 6.99
C SER A 39 9.62 0.41 6.54
N VAL A 40 9.48 -0.83 6.92
CA VAL A 40 8.27 -1.61 6.50
C VAL A 40 7.07 -1.27 7.41
N SER A 41 7.29 -0.60 8.51
CA SER A 41 6.14 -0.25 9.41
C SER A 41 5.31 0.88 8.80
N ASP A 42 5.95 1.91 8.31
CA ASP A 42 5.18 3.04 7.71
C ASP A 42 4.27 2.48 6.60
N LEU A 43 4.64 1.38 5.98
CA LEU A 43 3.78 0.81 4.91
C LEU A 43 2.55 0.17 5.57
N LYS A 44 2.73 -0.42 6.72
CA LYS A 44 1.57 -1.05 7.42
C LYS A 44 0.55 0.04 7.79
N LYS A 45 0.99 1.13 8.35
CA LYS A 45 0.03 2.21 8.75
C LYS A 45 -0.63 2.81 7.51
N TYR A 46 0.12 3.00 6.46
CA TYR A 46 -0.46 3.59 5.22
C TYR A 46 -1.54 2.66 4.68
N ILE A 47 -1.27 1.38 4.62
CA ILE A 47 -2.29 0.41 4.13
C ILE A 47 -3.56 0.55 4.96
N ALA A 48 -3.43 0.44 6.25
CA ALA A 48 -4.62 0.53 7.13
C ALA A 48 -5.40 1.83 6.85
N GLU A 49 -4.71 2.91 6.63
CA GLU A 49 -5.40 4.20 6.38
C GLU A 49 -6.31 4.06 5.15
N LEU A 50 -5.97 3.21 4.22
CA LEU A 50 -6.84 3.07 3.01
C LEU A 50 -8.07 2.21 3.35
N GLU A 51 -7.93 1.25 4.23
CA GLU A 51 -9.10 0.42 4.59
C GLU A 51 -10.18 1.31 5.21
N VAL A 52 -9.77 2.37 5.85
CA VAL A 52 -10.77 3.29 6.48
C VAL A 52 -11.34 4.23 5.41
N GLN A 53 -10.57 4.54 4.39
CA GLN A 53 -11.07 5.43 3.32
C GLN A 53 -11.97 4.62 2.37
N THR A 54 -11.63 3.39 2.11
CA THR A 54 -12.46 2.55 1.20
C THR A 54 -13.45 1.72 2.03
N GLY A 55 -13.68 2.12 3.25
CA GLY A 55 -14.62 1.36 4.11
C GLY A 55 -14.73 2.04 5.48
N MET A 56 -15.75 2.82 5.68
CA MET A 56 -15.92 3.51 6.99
C MET A 56 -16.72 2.61 7.95
N THR A 57 -16.09 1.59 8.48
CA THR A 57 -16.82 0.68 9.41
C THR A 57 -18.11 0.20 8.75
N GLN A 58 -18.01 -0.70 7.81
CA GLN A 58 -19.23 -1.21 7.12
C GLN A 58 -19.94 -0.06 6.41
N ARG A 59 -20.35 -0.28 5.19
CA ARG A 59 -21.04 0.78 4.42
C ARG A 59 -22.55 0.67 4.61
N ARG A 60 -23.21 1.74 4.96
CA ARG A 60 -24.68 1.68 5.16
C ARG A 60 -25.24 3.11 5.25
N ARG A 61 -25.75 3.50 6.40
CA ARG A 61 -26.29 4.87 6.53
C ARG A 61 -27.33 5.12 5.43
N GLY A 62 -28.49 4.52 5.56
CA GLY A 62 -29.54 4.71 4.52
C GLY A 62 -29.05 4.15 3.18
N MET A 1 -12.34 3.00 -8.77
CA MET A 1 -11.44 3.95 -8.04
C MET A 1 -9.99 3.51 -8.22
N VAL A 2 -9.12 4.43 -8.50
CA VAL A 2 -7.68 4.06 -8.69
C VAL A 2 -7.10 3.56 -7.36
N ARG A 3 -7.68 3.97 -6.26
CA ARG A 3 -7.16 3.52 -4.93
C ARG A 3 -7.25 2.00 -4.84
N GLN A 4 -8.26 1.42 -5.44
CA GLN A 4 -8.40 -0.07 -5.38
C GLN A 4 -7.19 -0.72 -6.04
N GLU A 5 -6.87 -0.30 -7.24
CA GLU A 5 -5.70 -0.90 -7.94
C GLU A 5 -4.40 -0.51 -7.23
N GLU A 6 -4.29 0.73 -6.84
CA GLU A 6 -3.05 1.16 -6.14
C GLU A 6 -2.86 0.34 -4.86
N LEU A 7 -3.91 -0.29 -4.37
CA LEU A 7 -3.78 -1.11 -3.13
C LEU A 7 -3.12 -2.44 -3.50
N ALA A 8 -3.63 -3.10 -4.51
CA ALA A 8 -3.04 -4.41 -4.91
C ALA A 8 -1.55 -4.22 -5.24
N ALA A 9 -1.17 -3.02 -5.60
CA ALA A 9 0.26 -2.76 -5.94
C ALA A 9 1.09 -2.66 -4.66
N ALA A 10 0.70 -1.79 -3.75
CA ALA A 10 1.46 -1.67 -2.48
C ALA A 10 1.45 -3.03 -1.78
N ARG A 11 0.41 -3.78 -1.99
CA ARG A 11 0.33 -5.13 -1.37
C ARG A 11 1.38 -6.03 -2.03
N ALA A 12 1.40 -6.07 -3.35
CA ALA A 12 2.38 -6.93 -4.04
C ALA A 12 3.77 -6.59 -3.52
N ALA A 13 3.89 -5.45 -2.93
CA ALA A 13 5.19 -5.02 -2.38
C ALA A 13 5.45 -5.73 -1.05
N LEU A 14 4.44 -5.93 -0.24
CA LEU A 14 4.68 -6.63 1.06
C LEU A 14 5.21 -8.04 0.76
N HIS A 15 4.80 -8.63 -0.34
CA HIS A 15 5.30 -9.99 -0.68
C HIS A 15 6.72 -9.89 -1.22
N ASP A 16 7.02 -8.82 -1.92
CA ASP A 16 8.37 -8.66 -2.50
C ASP A 16 9.39 -8.26 -1.41
N LEU A 17 8.91 -7.80 -0.28
CA LEU A 17 9.85 -7.38 0.82
C LEU A 17 10.09 -8.55 1.79
N MET A 18 9.18 -9.49 1.86
CA MET A 18 9.35 -10.64 2.79
C MET A 18 10.06 -11.79 2.06
N THR A 19 10.26 -11.68 0.77
CA THR A 19 10.93 -12.78 0.01
C THR A 19 12.45 -12.55 -0.02
N GLY A 20 12.91 -11.43 0.49
CA GLY A 20 14.38 -11.13 0.50
C GLY A 20 14.66 -9.79 -0.15
N LYS A 21 14.13 -9.55 -1.33
CA LYS A 21 14.37 -8.25 -2.00
C LYS A 21 14.03 -7.12 -1.02
N ARG A 22 15.02 -6.44 -0.53
CA ARG A 22 14.78 -5.35 0.45
C ARG A 22 14.32 -4.07 -0.26
N VAL A 23 14.98 -3.71 -1.33
CA VAL A 23 14.58 -2.45 -2.04
C VAL A 23 13.37 -2.72 -2.95
N ALA A 24 12.39 -1.86 -2.92
CA ALA A 24 11.18 -2.05 -3.78
C ALA A 24 10.71 -0.69 -4.29
N THR A 25 10.08 -0.66 -5.44
CA THR A 25 9.60 0.64 -6.00
C THR A 25 8.08 0.75 -5.82
N VAL A 26 7.56 1.95 -5.74
CA VAL A 26 6.09 2.12 -5.55
C VAL A 26 5.62 3.39 -6.26
N GLN A 27 4.61 3.28 -7.08
CA GLN A 27 4.09 4.49 -7.79
C GLN A 27 3.10 5.20 -6.87
N LYS A 28 3.54 6.25 -6.21
CA LYS A 28 2.64 7.00 -5.28
C LYS A 28 2.26 8.35 -5.90
N ASP A 29 1.00 8.59 -6.21
CA ASP A 29 0.63 9.91 -6.83
C ASP A 29 1.46 10.13 -8.10
N GLY A 30 1.85 9.06 -8.76
CA GLY A 30 2.65 9.21 -10.01
C GLY A 30 4.14 9.31 -9.66
N ARG A 31 4.46 9.73 -8.47
CA ARG A 31 5.90 9.87 -8.08
C ARG A 31 6.41 8.50 -7.58
N ARG A 32 7.60 8.15 -7.96
CA ARG A 32 8.19 6.84 -7.54
C ARG A 32 9.05 7.03 -6.28
N VAL A 33 9.05 6.06 -5.41
CA VAL A 33 9.89 6.13 -4.17
C VAL A 33 10.42 4.73 -3.86
N GLU A 34 11.62 4.66 -3.33
CA GLU A 34 12.24 3.32 -3.02
C GLU A 34 12.32 3.11 -1.50
N PHE A 35 11.44 2.31 -0.92
CA PHE A 35 11.50 2.05 0.56
C PHE A 35 12.28 0.74 0.79
N THR A 36 13.03 0.67 1.85
CA THR A 36 13.79 -0.58 2.18
C THR A 36 13.11 -1.24 3.40
N ALA A 37 13.34 -2.51 3.66
CA ALA A 37 12.66 -3.14 4.83
C ALA A 37 12.94 -2.35 6.11
N THR A 38 13.86 -1.42 6.06
CA THR A 38 14.18 -0.62 7.28
C THR A 38 12.94 0.13 7.76
N SER A 39 12.02 0.44 6.86
CA SER A 39 10.78 1.19 7.25
C SER A 39 9.55 0.45 6.73
N VAL A 40 9.40 -0.81 7.05
CA VAL A 40 8.22 -1.57 6.56
C VAL A 40 6.98 -1.25 7.42
N SER A 41 7.15 -0.61 8.55
CA SER A 41 5.98 -0.29 9.41
C SER A 41 5.16 0.84 8.78
N ASP A 42 5.81 1.85 8.27
CA ASP A 42 5.05 2.98 7.64
C ASP A 42 4.15 2.41 6.54
N LEU A 43 4.59 1.37 5.87
CA LEU A 43 3.74 0.78 4.78
C LEU A 43 2.50 0.15 5.44
N LYS A 44 2.66 -0.43 6.60
CA LYS A 44 1.49 -1.04 7.29
C LYS A 44 0.47 0.04 7.65
N LYS A 45 0.93 1.14 8.19
CA LYS A 45 -0.01 2.23 8.58
C LYS A 45 -0.66 2.84 7.33
N TYR A 46 0.11 3.02 6.29
CA TYR A 46 -0.47 3.61 5.05
C TYR A 46 -1.61 2.72 4.55
N ILE A 47 -1.35 1.44 4.40
CA ILE A 47 -2.41 0.52 3.94
C ILE A 47 -3.64 0.67 4.83
N ALA A 48 -3.45 0.59 6.12
CA ALA A 48 -4.59 0.71 7.07
C ALA A 48 -5.37 2.00 6.78
N GLU A 49 -4.69 3.08 6.51
CA GLU A 49 -5.39 4.36 6.24
C GLU A 49 -6.33 4.20 5.04
N LEU A 50 -6.04 3.30 4.15
CA LEU A 50 -6.92 3.12 2.96
C LEU A 50 -8.14 2.27 3.34
N GLU A 51 -8.00 1.35 4.25
CA GLU A 51 -9.18 0.52 4.65
C GLU A 51 -10.19 1.41 5.39
N VAL A 52 -9.73 2.45 6.03
CA VAL A 52 -10.67 3.35 6.75
C VAL A 52 -11.31 4.32 5.75
N GLN A 53 -10.62 4.64 4.68
CA GLN A 53 -11.21 5.57 3.68
C GLN A 53 -12.19 4.81 2.79
N THR A 54 -11.91 3.57 2.51
CA THR A 54 -12.83 2.76 1.65
C THR A 54 -13.86 2.06 2.53
N GLY A 55 -14.01 2.50 3.75
CA GLY A 55 -15.00 1.86 4.67
C GLY A 55 -16.38 2.49 4.45
N MET A 56 -16.66 3.57 5.13
CA MET A 56 -17.99 4.23 4.98
C MET A 56 -18.34 4.33 3.49
N THR A 57 -19.58 4.07 3.16
CA THR A 57 -20.00 4.15 1.73
C THR A 57 -20.33 5.61 1.38
N GLN A 58 -19.91 6.07 0.23
CA GLN A 58 -20.19 7.48 -0.16
C GLN A 58 -21.68 7.64 -0.42
N ARG A 59 -22.28 8.63 0.18
CA ARG A 59 -23.74 8.86 -0.01
C ARG A 59 -24.05 10.35 0.14
N ARG A 60 -23.85 10.88 1.32
CA ARG A 60 -24.13 12.33 1.55
C ARG A 60 -23.26 13.16 0.60
N ARG A 61 -23.88 14.01 -0.18
CA ARG A 61 -23.10 14.86 -1.14
C ARG A 61 -23.93 16.07 -1.56
N GLY A 62 -24.65 16.65 -0.65
CA GLY A 62 -25.49 17.83 -1.01
C GLY A 62 -24.63 18.88 -1.72
N MET A 1 -11.75 4.12 -11.67
CA MET A 1 -11.08 4.10 -10.34
C MET A 1 -9.62 3.68 -10.49
N VAL A 2 -8.82 3.89 -9.48
CA VAL A 2 -7.38 3.51 -9.58
C VAL A 2 -6.88 3.09 -8.19
N ARG A 3 -7.54 3.54 -7.16
CA ARG A 3 -7.10 3.17 -5.78
C ARG A 3 -7.22 1.66 -5.60
N GLN A 4 -8.18 1.04 -6.22
CA GLN A 4 -8.35 -0.43 -6.10
C GLN A 4 -7.07 -1.13 -6.57
N GLU A 5 -6.60 -0.79 -7.74
CA GLU A 5 -5.36 -1.42 -8.26
C GLU A 5 -4.18 -1.03 -7.38
N GLU A 6 -4.07 0.22 -7.03
CA GLU A 6 -2.94 0.66 -6.18
C GLU A 6 -2.94 -0.14 -4.87
N LEU A 7 -4.05 -0.76 -4.53
CA LEU A 7 -4.08 -1.56 -3.27
C LEU A 7 -3.37 -2.90 -3.53
N ALA A 8 -3.77 -3.59 -4.56
CA ALA A 8 -3.13 -4.90 -4.85
C ALA A 8 -1.65 -4.69 -5.21
N ALA A 9 -1.29 -3.52 -5.66
CA ALA A 9 0.13 -3.26 -6.02
C ALA A 9 0.96 -3.07 -4.76
N ALA A 10 0.58 -2.17 -3.90
CA ALA A 10 1.36 -1.98 -2.65
C ALA A 10 1.37 -3.30 -1.87
N ARG A 11 0.35 -4.08 -2.05
CA ARG A 11 0.30 -5.39 -1.34
C ARG A 11 1.34 -6.32 -1.97
N ALA A 12 1.33 -6.44 -3.29
CA ALA A 12 2.32 -7.33 -3.95
C ALA A 12 3.71 -6.95 -3.47
N ALA A 13 3.83 -5.78 -2.94
CA ALA A 13 5.14 -5.31 -2.43
C ALA A 13 5.41 -5.96 -1.08
N LEU A 14 4.42 -6.08 -0.22
CA LEU A 14 4.69 -6.71 1.10
C LEU A 14 5.25 -8.12 0.87
N HIS A 15 4.83 -8.78 -0.18
CA HIS A 15 5.36 -10.15 -0.45
C HIS A 15 6.77 -10.05 -1.02
N ASP A 16 7.03 -9.01 -1.78
CA ASP A 16 8.39 -8.86 -2.39
C ASP A 16 9.39 -8.36 -1.33
N LEU A 17 8.92 -7.92 -0.19
CA LEU A 17 9.87 -7.42 0.86
C LEU A 17 10.18 -8.53 1.88
N MET A 18 9.29 -9.47 2.06
CA MET A 18 9.54 -10.58 3.04
C MET A 18 10.21 -11.76 2.33
N THR A 19 10.30 -11.71 1.02
CA THR A 19 10.94 -12.85 0.28
C THR A 19 12.44 -12.63 0.16
N GLY A 20 12.93 -11.48 0.57
CA GLY A 20 14.41 -11.21 0.49
C GLY A 20 14.66 -9.85 -0.18
N LYS A 21 14.06 -9.61 -1.32
CA LYS A 21 14.30 -8.30 -2.00
C LYS A 21 14.03 -7.17 -1.01
N ARG A 22 15.05 -6.47 -0.61
CA ARG A 22 14.88 -5.37 0.37
C ARG A 22 14.37 -4.11 -0.33
N VAL A 23 14.94 -3.78 -1.47
CA VAL A 23 14.49 -2.55 -2.19
C VAL A 23 13.28 -2.86 -3.08
N ALA A 24 12.29 -2.02 -3.04
CA ALA A 24 11.06 -2.23 -3.89
C ALA A 24 10.57 -0.88 -4.40
N THR A 25 9.92 -0.86 -5.54
CA THR A 25 9.41 0.43 -6.13
C THR A 25 7.88 0.47 -6.05
N VAL A 26 7.32 1.62 -5.73
CA VAL A 26 5.83 1.72 -5.64
C VAL A 26 5.41 3.14 -6.07
N GLN A 27 4.30 3.23 -6.73
CA GLN A 27 3.79 4.55 -7.19
C GLN A 27 3.03 5.20 -6.04
N LYS A 28 3.44 6.38 -5.61
CA LYS A 28 2.74 7.07 -4.48
C LYS A 28 2.57 8.56 -4.80
N ASP A 29 1.43 9.16 -4.51
CA ASP A 29 1.25 10.61 -4.82
C ASP A 29 1.66 10.87 -6.27
N GLY A 30 1.47 9.91 -7.13
CA GLY A 30 1.83 10.11 -8.57
C GLY A 30 3.35 9.91 -8.74
N ARG A 31 4.12 10.21 -7.73
CA ARG A 31 5.61 10.05 -7.82
C ARG A 31 6.01 8.72 -7.20
N ARG A 32 6.93 8.05 -7.81
CA ARG A 32 7.39 6.73 -7.30
C ARG A 32 8.51 6.90 -6.27
N VAL A 33 8.57 6.03 -5.29
CA VAL A 33 9.65 6.13 -4.26
C VAL A 33 10.07 4.71 -3.88
N GLU A 34 11.32 4.54 -3.54
CA GLU A 34 11.86 3.18 -3.19
C GLU A 34 12.09 3.07 -1.68
N PHE A 35 11.22 2.39 -0.97
CA PHE A 35 11.41 2.21 0.51
C PHE A 35 12.15 0.89 0.75
N THR A 36 13.05 0.85 1.70
CA THR A 36 13.78 -0.43 1.99
C THR A 36 13.15 -1.08 3.23
N ALA A 37 13.37 -2.35 3.46
CA ALA A 37 12.74 -3.01 4.67
C ALA A 37 13.02 -2.18 5.93
N THR A 38 13.92 -1.23 5.84
CA THR A 38 14.24 -0.40 7.04
C THR A 38 13.00 0.35 7.52
N SER A 39 12.06 0.62 6.62
CA SER A 39 10.82 1.37 7.01
C SER A 39 9.59 0.61 6.53
N VAL A 40 9.46 -0.65 6.88
CA VAL A 40 8.27 -1.43 6.43
C VAL A 40 7.05 -1.08 7.31
N SER A 41 7.25 -0.37 8.39
CA SER A 41 6.10 -0.01 9.27
C SER A 41 5.25 1.05 8.59
N ASP A 42 5.86 2.08 8.05
CA ASP A 42 5.08 3.14 7.37
C ASP A 42 4.19 2.51 6.28
N LEU A 43 4.67 1.50 5.60
CA LEU A 43 3.83 0.86 4.54
C LEU A 43 2.60 0.25 5.21
N LYS A 44 2.75 -0.29 6.39
CA LYS A 44 1.59 -0.89 7.09
C LYS A 44 0.59 0.23 7.44
N LYS A 45 1.06 1.32 7.96
CA LYS A 45 0.14 2.43 8.33
C LYS A 45 -0.52 3.01 7.08
N TYR A 46 0.23 3.16 6.03
CA TYR A 46 -0.35 3.71 4.76
C TYR A 46 -1.48 2.79 4.29
N ILE A 47 -1.23 1.51 4.23
CA ILE A 47 -2.28 0.56 3.80
C ILE A 47 -3.53 0.74 4.68
N ALA A 48 -3.34 0.67 5.97
CA ALA A 48 -4.50 0.82 6.89
C ALA A 48 -5.24 2.13 6.62
N GLU A 49 -4.52 3.20 6.36
CA GLU A 49 -5.19 4.50 6.11
C GLU A 49 -6.16 4.37 4.93
N LEU A 50 -5.90 3.48 4.01
CA LEU A 50 -6.82 3.32 2.84
C LEU A 50 -8.06 2.51 3.25
N GLU A 51 -7.91 1.60 4.17
CA GLU A 51 -9.09 0.79 4.59
C GLU A 51 -10.14 1.71 5.20
N VAL A 52 -9.71 2.76 5.86
CA VAL A 52 -10.70 3.70 6.47
C VAL A 52 -11.21 4.68 5.41
N GLN A 53 -10.39 5.02 4.45
CA GLN A 53 -10.84 5.97 3.40
C GLN A 53 -11.66 5.22 2.34
N THR A 54 -11.29 4.01 2.04
CA THR A 54 -12.03 3.21 1.01
C THR A 54 -13.10 2.37 1.70
N GLY A 55 -13.42 2.68 2.93
CA GLY A 55 -14.45 1.89 3.66
C GLY A 55 -15.84 2.27 3.13
N MET A 56 -16.12 1.96 1.89
CA MET A 56 -17.46 2.31 1.31
C MET A 56 -18.36 1.08 1.37
N THR A 57 -19.63 1.27 1.60
CA THR A 57 -20.57 0.11 1.66
C THR A 57 -21.98 0.58 1.27
N GLN A 58 -22.25 0.67 0.01
CA GLN A 58 -23.60 1.12 -0.42
C GLN A 58 -23.86 0.69 -1.87
N ARG A 59 -24.32 -0.52 -2.06
CA ARG A 59 -24.60 -0.98 -3.44
C ARG A 59 -23.37 -0.71 -4.33
N ARG A 60 -23.48 -0.96 -5.60
CA ARG A 60 -22.32 -0.71 -6.50
C ARG A 60 -22.79 -0.65 -7.96
N ARG A 61 -23.93 -1.24 -8.25
CA ARG A 61 -24.44 -1.20 -9.65
C ARG A 61 -23.36 -1.74 -10.59
N GLY A 62 -23.34 -1.27 -11.81
CA GLY A 62 -22.31 -1.75 -12.78
C GLY A 62 -20.91 -1.42 -12.24
N MET A 1 -11.72 4.24 -9.36
CA MET A 1 -11.51 2.83 -8.91
C MET A 1 -10.01 2.51 -8.95
N VAL A 2 -9.21 3.42 -9.41
CA VAL A 2 -7.74 3.18 -9.47
C VAL A 2 -7.23 2.80 -8.08
N ARG A 3 -7.84 3.33 -7.05
CA ARG A 3 -7.38 3.00 -5.66
C ARG A 3 -7.46 1.49 -5.45
N GLN A 4 -8.42 0.84 -6.05
CA GLN A 4 -8.56 -0.63 -5.87
C GLN A 4 -7.28 -1.32 -6.39
N GLU A 5 -6.87 -0.99 -7.59
CA GLU A 5 -5.65 -1.62 -8.15
C GLU A 5 -4.43 -1.19 -7.33
N GLU A 6 -4.31 0.07 -7.04
CA GLU A 6 -3.14 0.53 -6.24
C GLU A 6 -3.08 -0.26 -4.92
N LEU A 7 -4.16 -0.89 -4.53
CA LEU A 7 -4.14 -1.69 -3.28
C LEU A 7 -3.42 -3.00 -3.54
N ALA A 8 -3.83 -3.72 -4.56
CA ALA A 8 -3.17 -5.02 -4.86
C ALA A 8 -1.69 -4.79 -5.23
N ALA A 9 -1.35 -3.61 -5.67
CA ALA A 9 0.07 -3.33 -6.06
C ALA A 9 0.90 -3.13 -4.79
N ALA A 10 0.53 -2.22 -3.94
CA ALA A 10 1.31 -2.01 -2.70
C ALA A 10 1.34 -3.32 -1.91
N ARG A 11 0.30 -4.10 -2.03
CA ARG A 11 0.26 -5.39 -1.31
C ARG A 11 1.32 -6.32 -1.93
N ALA A 12 1.32 -6.44 -3.24
CA ALA A 12 2.32 -7.33 -3.89
C ALA A 12 3.71 -6.94 -3.40
N ALA A 13 3.81 -5.75 -2.87
CA ALA A 13 5.12 -5.27 -2.36
C ALA A 13 5.39 -5.92 -1.00
N LEU A 14 4.39 -6.06 -0.16
CA LEU A 14 4.64 -6.68 1.18
C LEU A 14 5.18 -8.11 0.97
N HIS A 15 4.75 -8.78 -0.07
CA HIS A 15 5.25 -10.15 -0.32
C HIS A 15 6.67 -10.08 -0.90
N ASP A 16 6.93 -9.08 -1.70
CA ASP A 16 8.28 -8.94 -2.31
C ASP A 16 9.28 -8.41 -1.27
N LEU A 17 8.84 -7.99 -0.11
CA LEU A 17 9.80 -7.46 0.91
C LEU A 17 10.13 -8.54 1.94
N MET A 18 9.25 -9.49 2.16
CA MET A 18 9.54 -10.56 3.17
C MET A 18 10.21 -11.76 2.48
N THR A 19 10.30 -11.75 1.17
CA THR A 19 10.93 -12.91 0.45
C THR A 19 12.44 -12.69 0.32
N GLY A 20 12.98 -11.68 0.99
CA GLY A 20 14.45 -11.42 0.92
C GLY A 20 14.71 -10.11 0.17
N LYS A 21 14.05 -9.91 -0.94
CA LYS A 21 14.25 -8.66 -1.71
C LYS A 21 14.04 -7.47 -0.76
N ARG A 22 15.04 -6.67 -0.55
CA ARG A 22 14.91 -5.52 0.38
C ARG A 22 14.43 -4.27 -0.37
N VAL A 23 14.91 -4.05 -1.56
CA VAL A 23 14.49 -2.84 -2.33
C VAL A 23 13.24 -3.13 -3.18
N ALA A 24 12.30 -2.22 -3.16
CA ALA A 24 11.05 -2.40 -3.96
C ALA A 24 10.55 -1.03 -4.41
N THR A 25 9.97 -0.93 -5.58
CA THR A 25 9.46 0.40 -6.07
C THR A 25 7.94 0.45 -5.96
N VAL A 26 7.38 1.61 -5.70
CA VAL A 26 5.90 1.73 -5.58
C VAL A 26 5.48 3.12 -6.07
N GLN A 27 4.44 3.17 -6.85
CA GLN A 27 3.93 4.47 -7.36
C GLN A 27 3.05 5.10 -6.29
N LYS A 28 3.45 6.23 -5.76
CA LYS A 28 2.63 6.91 -4.70
C LYS A 28 1.97 8.15 -5.30
N ASP A 29 0.77 8.48 -4.89
CA ASP A 29 0.08 9.68 -5.45
C ASP A 29 1.02 10.88 -5.39
N GLY A 30 1.81 11.09 -6.42
CA GLY A 30 2.76 12.23 -6.43
C GLY A 30 4.07 11.81 -7.09
N ARG A 31 4.64 10.72 -6.66
CA ARG A 31 5.92 10.26 -7.28
C ARG A 31 6.27 8.87 -6.76
N ARG A 32 6.92 8.09 -7.58
CA ARG A 32 7.31 6.71 -7.16
C ARG A 32 8.56 6.79 -6.26
N VAL A 33 8.65 5.94 -5.27
CA VAL A 33 9.84 5.98 -4.37
C VAL A 33 10.20 4.55 -3.97
N GLU A 34 11.47 4.30 -3.76
CA GLU A 34 11.94 2.93 -3.38
C GLU A 34 12.26 2.87 -1.87
N PHE A 35 11.38 2.27 -1.08
CA PHE A 35 11.65 2.14 0.39
C PHE A 35 12.30 0.77 0.63
N THR A 36 13.26 0.70 1.52
CA THR A 36 13.90 -0.62 1.82
C THR A 36 13.24 -1.21 3.08
N ALA A 37 13.42 -2.47 3.37
CA ALA A 37 12.76 -3.04 4.60
C ALA A 37 13.06 -2.15 5.80
N THR A 38 13.97 -1.23 5.68
CA THR A 38 14.32 -0.34 6.82
C THR A 38 13.08 0.46 7.25
N SER A 39 12.17 0.70 6.35
CA SER A 39 10.94 1.50 6.69
C SER A 39 9.68 0.73 6.24
N VAL A 40 9.55 -0.50 6.67
CA VAL A 40 8.35 -1.30 6.27
C VAL A 40 7.14 -0.91 7.14
N SER A 41 7.35 -0.17 8.20
CA SER A 41 6.20 0.24 9.07
C SER A 41 5.35 1.29 8.35
N ASP A 42 5.99 2.28 7.77
CA ASP A 42 5.21 3.35 7.07
C ASP A 42 4.30 2.69 6.01
N LEU A 43 4.75 1.63 5.37
CA LEU A 43 3.89 0.98 4.34
C LEU A 43 2.65 0.42 5.04
N LYS A 44 2.82 -0.12 6.23
CA LYS A 44 1.64 -0.66 6.96
C LYS A 44 0.67 0.49 7.27
N LYS A 45 1.17 1.60 7.76
CA LYS A 45 0.28 2.75 8.09
C LYS A 45 -0.40 3.25 6.82
N TYR A 46 0.33 3.36 5.75
CA TYR A 46 -0.27 3.85 4.46
C TYR A 46 -1.43 2.94 4.08
N ILE A 47 -1.20 1.65 4.03
CA ILE A 47 -2.30 0.72 3.67
C ILE A 47 -3.48 0.93 4.60
N ALA A 48 -3.21 1.05 5.87
CA ALA A 48 -4.30 1.25 6.86
C ALA A 48 -5.12 2.49 6.50
N GLU A 49 -4.46 3.56 6.13
CA GLU A 49 -5.20 4.81 5.79
C GLU A 49 -6.18 4.56 4.64
N LEU A 50 -5.89 3.62 3.77
CA LEU A 50 -6.82 3.35 2.65
C LEU A 50 -7.99 2.48 3.13
N GLU A 51 -7.75 1.61 4.08
CA GLU A 51 -8.85 0.74 4.58
C GLU A 51 -9.95 1.62 5.15
N VAL A 52 -9.60 2.75 5.71
CA VAL A 52 -10.64 3.65 6.28
C VAL A 52 -11.27 4.50 5.17
N GLN A 53 -10.51 4.78 4.14
CA GLN A 53 -11.05 5.61 3.02
C GLN A 53 -11.92 4.72 2.10
N THR A 54 -11.54 3.49 1.92
CA THR A 54 -12.33 2.59 1.03
C THR A 54 -13.51 2.00 1.82
N GLY A 55 -14.01 2.73 2.79
CA GLY A 55 -15.15 2.21 3.60
C GLY A 55 -16.09 3.38 3.95
N MET A 56 -16.44 4.18 2.99
CA MET A 56 -17.35 5.33 3.26
C MET A 56 -17.87 5.88 1.94
N THR A 57 -19.18 6.04 1.83
CA THR A 57 -19.76 6.57 0.57
C THR A 57 -21.02 7.39 0.90
N GLN A 58 -21.24 8.47 0.19
CA GLN A 58 -22.44 9.30 0.46
C GLN A 58 -23.70 8.54 0.05
N ARG A 59 -24.71 8.54 0.89
CA ARG A 59 -25.97 7.81 0.56
C ARG A 59 -27.14 8.53 1.25
N ARG A 60 -28.16 8.85 0.52
CA ARG A 60 -29.34 9.53 1.12
C ARG A 60 -30.61 9.17 0.34
N ARG A 61 -31.75 9.23 0.97
CA ARG A 61 -33.01 8.88 0.26
C ARG A 61 -32.87 7.49 -0.36
N GLY A 62 -33.22 6.46 0.36
CA GLY A 62 -33.09 5.08 -0.20
C GLY A 62 -33.63 4.07 0.82
N MET A 1 -12.30 4.35 -8.78
CA MET A 1 -11.94 2.99 -8.31
C MET A 1 -10.43 2.77 -8.45
N VAL A 2 -9.75 3.72 -9.03
CA VAL A 2 -8.27 3.57 -9.20
C VAL A 2 -7.64 3.18 -7.87
N ARG A 3 -8.12 3.73 -6.79
CA ARG A 3 -7.55 3.37 -5.45
C ARG A 3 -7.50 1.86 -5.31
N GLN A 4 -8.37 1.16 -5.98
CA GLN A 4 -8.38 -0.32 -5.88
C GLN A 4 -7.04 -0.87 -6.38
N GLU A 5 -6.59 -0.41 -7.51
CA GLU A 5 -5.29 -0.90 -8.06
C GLU A 5 -4.15 -0.50 -7.11
N GLU A 6 -4.12 0.73 -6.68
CA GLU A 6 -3.04 1.17 -5.76
C GLU A 6 -2.99 0.25 -4.54
N LEU A 7 -4.06 -0.47 -4.27
CA LEU A 7 -4.04 -1.39 -3.10
C LEU A 7 -3.25 -2.65 -3.46
N ALA A 8 -3.56 -3.25 -4.57
CA ALA A 8 -2.83 -4.49 -4.98
C ALA A 8 -1.36 -4.17 -5.24
N ALA A 9 -1.03 -2.94 -5.55
CA ALA A 9 0.40 -2.58 -5.82
C ALA A 9 1.18 -2.56 -4.51
N ALA A 10 0.73 -1.79 -3.55
CA ALA A 10 1.47 -1.73 -2.26
C ALA A 10 1.45 -3.12 -1.63
N ARG A 11 0.43 -3.88 -1.89
CA ARG A 11 0.36 -5.25 -1.32
C ARG A 11 1.44 -6.11 -1.99
N ALA A 12 1.48 -6.10 -3.31
CA ALA A 12 2.51 -6.90 -4.01
C ALA A 12 3.88 -6.55 -3.46
N ALA A 13 3.94 -5.43 -2.82
CA ALA A 13 5.23 -4.97 -2.22
C ALA A 13 5.48 -5.73 -0.92
N LEU A 14 4.46 -6.00 -0.13
CA LEU A 14 4.70 -6.73 1.15
C LEU A 14 5.26 -8.13 0.82
N HIS A 15 4.85 -8.71 -0.27
CA HIS A 15 5.37 -10.06 -0.63
C HIS A 15 6.79 -9.94 -1.19
N ASP A 16 7.06 -8.88 -1.88
CA ASP A 16 8.41 -8.68 -2.48
C ASP A 16 9.42 -8.26 -1.40
N LEU A 17 8.96 -7.86 -0.24
CA LEU A 17 9.90 -7.42 0.85
C LEU A 17 10.20 -8.58 1.80
N MET A 18 9.31 -9.54 1.93
CA MET A 18 9.57 -10.67 2.86
C MET A 18 10.26 -11.82 2.10
N THR A 19 10.40 -11.70 0.81
CA THR A 19 11.07 -12.79 0.03
C THR A 19 12.59 -12.54 -0.02
N GLY A 20 13.04 -11.42 0.48
CA GLY A 20 14.52 -11.12 0.48
C GLY A 20 14.77 -9.76 -0.19
N LYS A 21 14.22 -9.52 -1.34
CA LYS A 21 14.44 -8.21 -2.02
C LYS A 21 14.09 -7.08 -1.06
N ARG A 22 15.07 -6.36 -0.61
CA ARG A 22 14.82 -5.26 0.35
C ARG A 22 14.33 -4.01 -0.39
N VAL A 23 14.96 -3.66 -1.47
CA VAL A 23 14.52 -2.44 -2.22
C VAL A 23 13.29 -2.76 -3.08
N ALA A 24 12.29 -1.92 -3.04
CA ALA A 24 11.05 -2.15 -3.85
C ALA A 24 10.58 -0.84 -4.46
N THR A 25 9.89 -0.89 -5.56
CA THR A 25 9.39 0.37 -6.23
C THR A 25 7.89 0.52 -5.95
N VAL A 26 7.41 1.73 -5.83
CA VAL A 26 5.95 1.94 -5.55
C VAL A 26 5.43 3.19 -6.28
N GLN A 27 4.35 3.04 -6.99
CA GLN A 27 3.75 4.21 -7.70
C GLN A 27 2.88 4.98 -6.71
N LYS A 28 3.19 6.24 -6.44
CA LYS A 28 2.38 7.02 -5.45
C LYS A 28 2.23 8.48 -5.94
N ASP A 29 1.03 9.00 -6.06
CA ASP A 29 0.89 10.43 -6.51
C ASP A 29 1.70 10.64 -7.79
N GLY A 30 1.49 9.82 -8.79
CA GLY A 30 2.25 9.98 -10.06
C GLY A 30 3.74 10.16 -9.76
N ARG A 31 4.22 9.53 -8.72
CA ARG A 31 5.66 9.65 -8.36
C ARG A 31 6.16 8.34 -7.75
N ARG A 32 7.32 7.92 -8.16
CA ARG A 32 7.89 6.63 -7.66
C ARG A 32 8.74 6.86 -6.42
N VAL A 33 8.74 5.92 -5.51
CA VAL A 33 9.58 6.03 -4.28
C VAL A 33 10.08 4.64 -3.91
N GLU A 34 11.28 4.56 -3.39
CA GLU A 34 11.88 3.24 -3.03
C GLU A 34 12.03 3.09 -1.51
N PHE A 35 11.15 2.34 -0.86
CA PHE A 35 11.28 2.14 0.61
C PHE A 35 12.05 0.82 0.84
N THR A 36 12.91 0.78 1.83
CA THR A 36 13.68 -0.49 2.11
C THR A 36 13.03 -1.16 3.34
N ALA A 37 13.30 -2.42 3.59
CA ALA A 37 12.66 -3.08 4.78
C ALA A 37 12.97 -2.28 6.05
N THR A 38 13.87 -1.35 5.99
CA THR A 38 14.21 -0.56 7.20
C THR A 38 12.97 0.13 7.76
N SER A 39 12.01 0.42 6.92
CA SER A 39 10.75 1.11 7.38
C SER A 39 9.53 0.35 6.87
N VAL A 40 9.43 -0.93 7.13
CA VAL A 40 8.26 -1.71 6.66
C VAL A 40 7.03 -1.40 7.54
N SER A 41 7.22 -0.76 8.65
CA SER A 41 6.07 -0.44 9.54
C SER A 41 5.21 0.67 8.92
N ASP A 42 5.84 1.72 8.43
CA ASP A 42 5.05 2.83 7.81
C ASP A 42 4.16 2.25 6.69
N LEU A 43 4.58 1.18 6.05
CA LEU A 43 3.75 0.61 4.96
C LEU A 43 2.50 0.00 5.58
N LYS A 44 2.64 -0.67 6.70
CA LYS A 44 1.45 -1.28 7.35
C LYS A 44 0.45 -0.17 7.74
N LYS A 45 0.93 0.89 8.33
CA LYS A 45 0.02 1.99 8.74
C LYS A 45 -0.61 2.65 7.52
N TYR A 46 0.16 2.84 6.48
CA TYR A 46 -0.38 3.48 5.24
C TYR A 46 -1.53 2.64 4.69
N ILE A 47 -1.32 1.36 4.54
CA ILE A 47 -2.40 0.48 4.01
C ILE A 47 -3.66 0.64 4.87
N ALA A 48 -3.52 0.47 6.15
CA ALA A 48 -4.71 0.57 7.06
C ALA A 48 -5.44 1.91 6.83
N GLU A 49 -4.72 2.98 6.69
CA GLU A 49 -5.39 4.30 6.48
C GLU A 49 -6.29 4.24 5.24
N LEU A 50 -5.95 3.44 4.27
CA LEU A 50 -6.81 3.36 3.05
C LEU A 50 -8.09 2.58 3.39
N GLU A 51 -8.01 1.64 4.30
CA GLU A 51 -9.23 0.86 4.66
C GLU A 51 -10.27 1.81 5.26
N VAL A 52 -9.83 2.83 5.94
CA VAL A 52 -10.79 3.79 6.53
C VAL A 52 -11.35 4.72 5.45
N GLN A 53 -10.56 5.05 4.46
CA GLN A 53 -11.06 5.94 3.38
C GLN A 53 -11.86 5.12 2.36
N THR A 54 -11.41 3.94 2.05
CA THR A 54 -12.14 3.08 1.07
C THR A 54 -13.04 2.10 1.82
N GLY A 55 -13.32 2.37 3.07
CA GLY A 55 -14.19 1.46 3.85
C GLY A 55 -15.52 1.25 3.12
N MET A 56 -15.78 2.03 2.11
CA MET A 56 -17.05 1.88 1.36
C MET A 56 -16.98 0.63 0.48
N THR A 57 -18.11 0.14 0.03
CA THR A 57 -18.10 -1.07 -0.83
C THR A 57 -19.53 -1.39 -1.27
N GLN A 58 -20.11 -0.56 -2.10
CA GLN A 58 -21.50 -0.81 -2.57
C GLN A 58 -21.58 -2.18 -3.24
N ARG A 59 -22.55 -2.98 -2.88
CA ARG A 59 -22.67 -4.33 -3.48
C ARG A 59 -24.00 -4.96 -3.05
N ARG A 60 -24.61 -4.43 -2.02
CA ARG A 60 -25.91 -5.00 -1.55
C ARG A 60 -27.01 -4.68 -2.58
N ARG A 61 -26.63 -4.18 -3.72
CA ARG A 61 -27.65 -3.84 -4.76
C ARG A 61 -26.96 -3.71 -6.12
N GLY A 62 -26.27 -2.62 -6.33
CA GLY A 62 -25.57 -2.42 -7.64
C GLY A 62 -25.00 -1.01 -7.72
N MET A 1 -12.53 3.62 -8.18
CA MET A 1 -12.43 2.16 -8.46
C MET A 1 -10.96 1.80 -8.71
N VAL A 2 -10.21 2.68 -9.30
CA VAL A 2 -8.78 2.38 -9.58
C VAL A 2 -8.05 2.13 -8.25
N ARG A 3 -8.46 2.78 -7.20
CA ARG A 3 -7.80 2.58 -5.89
C ARG A 3 -7.79 1.09 -5.55
N GLN A 4 -8.66 0.32 -6.15
CA GLN A 4 -8.70 -1.13 -5.87
C GLN A 4 -7.40 -1.78 -6.36
N GLU A 5 -7.02 -1.52 -7.57
CA GLU A 5 -5.77 -2.12 -8.12
C GLU A 5 -4.57 -1.61 -7.33
N GLU A 6 -4.49 -0.32 -7.09
CA GLU A 6 -3.34 0.22 -6.33
C GLU A 6 -3.23 -0.51 -4.98
N LEU A 7 -4.28 -1.15 -4.54
CA LEU A 7 -4.21 -1.88 -3.25
C LEU A 7 -3.45 -3.19 -3.46
N ALA A 8 -3.86 -3.96 -4.43
CA ALA A 8 -3.18 -5.26 -4.69
C ALA A 8 -1.72 -5.02 -5.08
N ALA A 9 -1.41 -3.85 -5.58
CA ALA A 9 0.00 -3.56 -5.99
C ALA A 9 0.87 -3.33 -4.76
N ALA A 10 0.50 -2.40 -3.92
CA ALA A 10 1.32 -2.15 -2.70
C ALA A 10 1.36 -3.44 -1.87
N ARG A 11 0.33 -4.23 -1.97
CA ARG A 11 0.30 -5.51 -1.22
C ARG A 11 1.34 -6.45 -1.84
N ALA A 12 1.32 -6.61 -3.15
CA ALA A 12 2.31 -7.51 -3.80
C ALA A 12 3.70 -7.12 -3.34
N ALA A 13 3.82 -5.93 -2.85
CA ALA A 13 5.14 -5.46 -2.36
C ALA A 13 5.43 -6.09 -1.00
N LEU A 14 4.44 -6.18 -0.14
CA LEU A 14 4.72 -6.80 1.19
C LEU A 14 5.26 -8.21 0.97
N HIS A 15 4.87 -8.87 -0.09
CA HIS A 15 5.38 -10.23 -0.37
C HIS A 15 6.79 -10.14 -0.94
N ASP A 16 7.06 -9.11 -1.71
CA ASP A 16 8.40 -8.95 -2.33
C ASP A 16 9.42 -8.47 -1.28
N LEU A 17 8.95 -8.02 -0.14
CA LEU A 17 9.89 -7.52 0.92
C LEU A 17 10.13 -8.63 1.96
N MET A 18 9.23 -9.56 2.09
CA MET A 18 9.43 -10.66 3.09
C MET A 18 10.13 -11.84 2.40
N THR A 19 10.29 -11.80 1.11
CA THR A 19 10.96 -12.93 0.39
C THR A 19 12.46 -12.67 0.29
N GLY A 20 12.92 -11.51 0.70
CA GLY A 20 14.39 -11.20 0.65
C GLY A 20 14.64 -9.87 -0.06
N LYS A 21 14.04 -9.68 -1.22
CA LYS A 21 14.27 -8.40 -1.96
C LYS A 21 14.05 -7.23 -0.98
N ARG A 22 15.08 -6.50 -0.68
CA ARG A 22 14.95 -5.38 0.29
C ARG A 22 14.45 -4.11 -0.44
N VAL A 23 14.95 -3.85 -1.62
CA VAL A 23 14.52 -2.63 -2.36
C VAL A 23 13.27 -2.92 -3.20
N ALA A 24 12.30 -2.05 -3.14
CA ALA A 24 11.05 -2.24 -3.95
C ALA A 24 10.52 -0.87 -4.37
N THR A 25 9.99 -0.75 -5.56
CA THR A 25 9.47 0.58 -6.04
C THR A 25 7.95 0.60 -5.97
N VAL A 26 7.36 1.74 -5.69
CA VAL A 26 5.88 1.84 -5.62
C VAL A 26 5.45 3.23 -6.10
N GLN A 27 4.43 3.27 -6.92
CA GLN A 27 3.94 4.57 -7.43
C GLN A 27 3.00 5.19 -6.39
N LYS A 28 3.34 6.34 -5.85
CA LYS A 28 2.47 7.01 -4.84
C LYS A 28 1.80 8.21 -5.50
N ASP A 29 0.58 8.53 -5.13
CA ASP A 29 -0.11 9.69 -5.76
C ASP A 29 0.78 10.93 -5.63
N GLY A 30 1.66 11.14 -6.58
CA GLY A 30 2.57 12.33 -6.51
C GLY A 30 3.93 11.94 -7.08
N ARG A 31 4.49 10.84 -6.61
CA ARG A 31 5.83 10.43 -7.13
C ARG A 31 6.17 9.03 -6.63
N ARG A 32 6.88 8.29 -7.42
CA ARG A 32 7.27 6.91 -7.03
C ARG A 32 8.47 6.98 -6.08
N VAL A 33 8.54 6.09 -5.12
CA VAL A 33 9.69 6.12 -4.16
C VAL A 33 10.07 4.69 -3.79
N GLU A 34 11.34 4.47 -3.56
CA GLU A 34 11.82 3.09 -3.21
C GLU A 34 12.12 2.98 -1.70
N PHE A 35 11.26 2.32 -0.96
CA PHE A 35 11.50 2.15 0.51
C PHE A 35 12.20 0.80 0.72
N THR A 36 13.13 0.72 1.63
CA THR A 36 13.83 -0.58 1.90
C THR A 36 13.19 -1.22 3.14
N ALA A 37 13.42 -2.49 3.40
CA ALA A 37 12.79 -3.11 4.62
C ALA A 37 13.11 -2.28 5.86
N THR A 38 14.02 -1.36 5.76
CA THR A 38 14.38 -0.52 6.95
C THR A 38 13.14 0.22 7.46
N SER A 39 12.21 0.53 6.59
CA SER A 39 10.98 1.27 7.02
C SER A 39 9.73 0.55 6.51
N VAL A 40 9.60 -0.71 6.82
CA VAL A 40 8.40 -1.47 6.33
C VAL A 40 7.16 -1.09 7.17
N SER A 41 7.36 -0.39 8.27
CA SER A 41 6.19 0.00 9.10
C SER A 41 5.39 1.10 8.39
N ASP A 42 6.05 2.07 7.83
CA ASP A 42 5.30 3.15 7.14
C ASP A 42 4.39 2.54 6.07
N LEU A 43 4.80 1.46 5.45
CA LEU A 43 3.92 0.83 4.42
C LEU A 43 2.67 0.28 5.11
N LYS A 44 2.84 -0.25 6.30
CA LYS A 44 1.65 -0.79 7.04
C LYS A 44 0.69 0.37 7.35
N LYS A 45 1.21 1.46 7.86
CA LYS A 45 0.34 2.61 8.20
C LYS A 45 -0.32 3.17 6.94
N TYR A 46 0.41 3.27 5.87
CA TYR A 46 -0.16 3.81 4.61
C TYR A 46 -1.34 2.94 4.16
N ILE A 47 -1.12 1.65 4.07
CA ILE A 47 -2.24 0.75 3.66
C ILE A 47 -3.45 1.00 4.56
N ALA A 48 -3.23 1.10 5.84
CA ALA A 48 -4.36 1.32 6.79
C ALA A 48 -5.12 2.59 6.41
N GLU A 49 -4.43 3.64 6.05
CA GLU A 49 -5.13 4.90 5.70
C GLU A 49 -6.10 4.66 4.54
N LEU A 50 -5.78 3.77 3.64
CA LEU A 50 -6.70 3.51 2.50
C LEU A 50 -7.92 2.71 2.99
N GLU A 51 -7.75 1.87 3.97
CA GLU A 51 -8.91 1.08 4.47
C GLU A 51 -9.97 2.02 5.03
N VAL A 52 -9.56 3.13 5.59
CA VAL A 52 -10.55 4.09 6.15
C VAL A 52 -11.11 4.96 5.02
N GLN A 53 -10.32 5.24 4.02
CA GLN A 53 -10.82 6.09 2.90
C GLN A 53 -11.65 5.22 1.94
N THR A 54 -11.25 4.00 1.75
CA THR A 54 -12.01 3.09 0.83
C THR A 54 -12.94 2.20 1.65
N GLY A 55 -13.22 2.58 2.87
CA GLY A 55 -14.12 1.75 3.72
C GLY A 55 -15.55 1.86 3.21
N MET A 56 -16.44 2.40 4.01
CA MET A 56 -17.86 2.56 3.60
C MET A 56 -18.45 1.20 3.20
N THR A 57 -19.69 0.95 3.56
CA THR A 57 -20.33 -0.35 3.20
C THR A 57 -21.02 -0.22 1.84
N GLN A 58 -22.28 0.13 1.84
CA GLN A 58 -23.02 0.28 0.55
C GLN A 58 -22.88 1.71 0.05
N ARG A 59 -23.82 2.18 -0.73
CA ARG A 59 -23.73 3.57 -1.26
C ARG A 59 -25.13 4.17 -1.36
N ARG A 60 -25.24 5.37 -1.87
CA ARG A 60 -26.57 6.02 -2.00
C ARG A 60 -26.51 7.12 -3.05
N ARG A 61 -25.92 6.85 -4.17
CA ARG A 61 -25.83 7.87 -5.25
C ARG A 61 -25.31 9.19 -4.65
N GLY A 62 -24.18 9.16 -4.01
CA GLY A 62 -23.63 10.40 -3.40
C GLY A 62 -23.41 11.44 -4.49
N MET A 1 -12.20 3.74 -8.77
CA MET A 1 -11.74 2.36 -8.44
C MET A 1 -10.21 2.30 -8.56
N VAL A 2 -9.59 3.37 -8.99
CA VAL A 2 -8.11 3.38 -9.13
C VAL A 2 -7.48 3.02 -7.78
N ARG A 3 -7.98 3.59 -6.71
CA ARG A 3 -7.39 3.28 -5.37
C ARG A 3 -7.40 1.76 -5.15
N GLN A 4 -8.42 1.09 -5.61
CA GLN A 4 -8.48 -0.39 -5.42
C GLN A 4 -7.28 -1.04 -6.12
N GLU A 5 -6.97 -0.60 -7.31
CA GLU A 5 -5.83 -1.20 -8.04
C GLU A 5 -4.51 -0.78 -7.37
N GLU A 6 -4.34 0.49 -7.09
CA GLU A 6 -3.09 0.94 -6.45
C GLU A 6 -2.86 0.19 -5.14
N LEU A 7 -3.89 -0.40 -4.58
CA LEU A 7 -3.71 -1.15 -3.30
C LEU A 7 -3.08 -2.51 -3.61
N ALA A 8 -3.64 -3.23 -4.55
CA ALA A 8 -3.08 -4.56 -4.90
C ALA A 8 -1.59 -4.41 -5.26
N ALA A 9 -1.19 -3.24 -5.67
CA ALA A 9 0.24 -3.02 -6.04
C ALA A 9 1.08 -2.89 -4.76
N ALA A 10 0.73 -1.99 -3.88
CA ALA A 10 1.51 -1.85 -2.63
C ALA A 10 1.49 -3.18 -1.90
N ARG A 11 0.44 -3.92 -2.08
CA ARG A 11 0.34 -5.26 -1.42
C ARG A 11 1.39 -6.18 -2.05
N ALA A 12 1.43 -6.24 -3.37
CA ALA A 12 2.43 -7.12 -4.04
C ALA A 12 3.81 -6.77 -3.49
N ALA A 13 3.93 -5.63 -2.91
CA ALA A 13 5.23 -5.21 -2.33
C ALA A 13 5.44 -5.92 -0.99
N LEU A 14 4.41 -6.07 -0.19
CA LEU A 14 4.61 -6.77 1.11
C LEU A 14 5.17 -8.18 0.84
N HIS A 15 4.79 -8.77 -0.27
CA HIS A 15 5.31 -10.12 -0.59
C HIS A 15 6.76 -10.00 -1.08
N ASP A 16 7.06 -8.93 -1.74
CA ASP A 16 8.45 -8.73 -2.27
C ASP A 16 9.40 -8.31 -1.14
N LEU A 17 8.89 -7.73 -0.09
CA LEU A 17 9.79 -7.29 1.03
C LEU A 17 10.07 -8.47 1.98
N MET A 18 9.21 -9.45 2.04
CA MET A 18 9.46 -10.61 2.96
C MET A 18 10.19 -11.74 2.21
N THR A 19 10.36 -11.61 0.93
CA THR A 19 11.06 -12.70 0.17
C THR A 19 12.57 -12.45 0.15
N GLY A 20 13.08 -11.78 1.14
CA GLY A 20 14.56 -11.51 1.19
C GLY A 20 14.87 -10.25 0.39
N LYS A 21 14.15 -10.03 -0.67
CA LYS A 21 14.40 -8.81 -1.49
C LYS A 21 13.93 -7.59 -0.67
N ARG A 22 14.84 -6.77 -0.21
CA ARG A 22 14.44 -5.60 0.63
C ARG A 22 14.16 -4.36 -0.22
N VAL A 23 14.86 -4.16 -1.30
CA VAL A 23 14.61 -2.94 -2.13
C VAL A 23 13.35 -3.12 -2.98
N ALA A 24 12.50 -2.11 -3.00
CA ALA A 24 11.24 -2.20 -3.81
C ALA A 24 10.82 -0.81 -4.26
N THR A 25 10.13 -0.71 -5.38
CA THR A 25 9.67 0.62 -5.89
C THR A 25 8.14 0.66 -5.87
N VAL A 26 7.56 1.84 -5.74
CA VAL A 26 6.08 1.95 -5.72
C VAL A 26 5.65 3.23 -6.42
N GLN A 27 4.80 3.12 -7.41
CA GLN A 27 4.33 4.34 -8.13
C GLN A 27 3.14 4.94 -7.38
N LYS A 28 3.29 6.12 -6.85
CA LYS A 28 2.17 6.78 -6.11
C LYS A 28 1.62 7.92 -6.97
N ASP A 29 0.33 8.17 -6.93
CA ASP A 29 -0.23 9.27 -7.77
C ASP A 29 0.53 10.57 -7.49
N GLY A 30 1.62 10.79 -8.17
CA GLY A 30 2.42 12.03 -7.94
C GLY A 30 3.90 11.73 -8.17
N ARG A 31 4.40 10.67 -7.59
CA ARG A 31 5.85 10.34 -7.77
C ARG A 31 6.15 8.96 -7.18
N ARG A 32 7.05 8.25 -7.81
CA ARG A 32 7.43 6.90 -7.32
C ARG A 32 8.50 7.05 -6.23
N VAL A 33 8.53 6.17 -5.25
CA VAL A 33 9.56 6.26 -4.17
C VAL A 33 10.02 4.87 -3.78
N GLU A 34 11.28 4.74 -3.45
CA GLU A 34 11.87 3.42 -3.10
C GLU A 34 11.96 3.27 -1.56
N PHE A 35 11.34 2.25 -1.02
CA PHE A 35 11.41 2.00 0.46
C PHE A 35 12.15 0.68 0.70
N THR A 36 12.93 0.60 1.76
CA THR A 36 13.67 -0.66 2.07
C THR A 36 13.02 -1.30 3.31
N ALA A 37 13.37 -2.53 3.63
CA ALA A 37 12.74 -3.17 4.83
C ALA A 37 13.03 -2.33 6.08
N THR A 38 13.91 -1.37 5.98
CA THR A 38 14.23 -0.53 7.16
C THR A 38 12.98 0.26 7.58
N SER A 39 12.05 0.44 6.67
CA SER A 39 10.80 1.21 7.00
C SER A 39 9.56 0.40 6.59
N VAL A 40 9.46 -0.81 7.05
CA VAL A 40 8.26 -1.65 6.67
C VAL A 40 7.06 -1.30 7.56
N SER A 41 7.26 -0.58 8.63
CA SER A 41 6.10 -0.21 9.50
C SER A 41 5.24 0.85 8.81
N ASP A 42 5.85 1.91 8.34
CA ASP A 42 5.08 2.98 7.67
C ASP A 42 4.25 2.36 6.52
N LEU A 43 4.74 1.33 5.88
CA LEU A 43 3.96 0.72 4.77
C LEU A 43 2.70 0.09 5.36
N LYS A 44 2.80 -0.49 6.53
CA LYS A 44 1.59 -1.10 7.17
C LYS A 44 0.60 0.03 7.51
N LYS A 45 1.06 1.08 8.12
CA LYS A 45 0.15 2.20 8.49
C LYS A 45 -0.46 2.80 7.22
N TYR A 46 0.31 2.99 6.20
CA TYR A 46 -0.22 3.58 4.94
C TYR A 46 -1.37 2.70 4.43
N ILE A 47 -1.15 1.42 4.30
CA ILE A 47 -2.23 0.53 3.82
C ILE A 47 -3.45 0.69 4.74
N ALA A 48 -3.24 0.64 6.02
CA ALA A 48 -4.38 0.78 6.97
C ALA A 48 -5.13 2.08 6.70
N GLU A 49 -4.43 3.14 6.40
CA GLU A 49 -5.12 4.43 6.14
C GLU A 49 -6.08 4.30 4.95
N LEU A 50 -5.79 3.40 4.04
CA LEU A 50 -6.69 3.23 2.87
C LEU A 50 -7.91 2.40 3.26
N GLU A 51 -7.76 1.51 4.20
CA GLU A 51 -8.93 0.66 4.61
C GLU A 51 -9.98 1.54 5.29
N VAL A 52 -9.57 2.58 5.96
CA VAL A 52 -10.55 3.48 6.64
C VAL A 52 -11.09 4.50 5.63
N GLN A 53 -10.31 4.86 4.65
CA GLN A 53 -10.80 5.86 3.65
C GLN A 53 -11.72 5.17 2.64
N THR A 54 -11.43 3.95 2.29
CA THR A 54 -12.27 3.23 1.30
C THR A 54 -13.51 2.66 2.01
N GLY A 55 -13.97 3.31 3.04
CA GLY A 55 -15.17 2.80 3.78
C GLY A 55 -16.41 3.58 3.34
N MET A 56 -16.47 3.98 2.10
CA MET A 56 -17.66 4.74 1.62
C MET A 56 -18.91 3.87 1.80
N THR A 57 -20.06 4.49 1.75
CA THR A 57 -21.33 3.71 1.93
C THR A 57 -22.45 4.37 1.11
N GLN A 58 -22.19 5.53 0.57
CA GLN A 58 -23.22 6.24 -0.24
C GLN A 58 -22.53 7.19 -1.21
N ARG A 59 -21.49 7.84 -0.79
CA ARG A 59 -20.78 8.78 -1.69
C ARG A 59 -21.77 9.86 -2.18
N ARG A 60 -22.60 10.36 -1.30
CA ARG A 60 -23.58 11.40 -1.72
C ARG A 60 -22.82 12.64 -2.18
N ARG A 61 -22.42 12.68 -3.42
CA ARG A 61 -21.67 13.86 -3.96
C ARG A 61 -22.27 14.27 -5.31
N GLY A 62 -22.90 15.41 -5.37
CA GLY A 62 -23.50 15.86 -6.65
C GLY A 62 -22.40 16.04 -7.71
N MET A 1 -11.06 5.13 -7.86
CA MET A 1 -11.09 3.86 -8.63
C MET A 1 -9.67 3.30 -8.75
N VAL A 2 -8.72 4.14 -9.05
CA VAL A 2 -7.31 3.66 -9.18
C VAL A 2 -6.80 3.25 -7.80
N ARG A 3 -7.57 3.53 -6.78
CA ARG A 3 -7.15 3.15 -5.41
C ARG A 3 -7.27 1.64 -5.23
N GLN A 4 -8.26 1.04 -5.82
CA GLN A 4 -8.43 -0.43 -5.68
C GLN A 4 -7.18 -1.14 -6.23
N GLU A 5 -6.77 -0.80 -7.42
CA GLU A 5 -5.57 -1.44 -8.03
C GLU A 5 -4.34 -1.07 -7.21
N GLU A 6 -4.18 0.20 -6.89
CA GLU A 6 -2.99 0.61 -6.10
C GLU A 6 -2.93 -0.22 -4.80
N LEU A 7 -4.02 -0.82 -4.41
CA LEU A 7 -4.01 -1.63 -3.17
C LEU A 7 -3.32 -2.97 -3.47
N ALA A 8 -3.76 -3.64 -4.50
CA ALA A 8 -3.13 -4.95 -4.85
C ALA A 8 -1.66 -4.75 -5.23
N ALA A 9 -1.32 -3.57 -5.66
CA ALA A 9 0.11 -3.30 -6.06
C ALA A 9 0.96 -3.12 -4.80
N ALA A 10 0.60 -2.21 -3.94
CA ALA A 10 1.41 -2.01 -2.70
C ALA A 10 1.44 -3.34 -1.94
N ARG A 11 0.41 -4.12 -2.07
CA ARG A 11 0.37 -5.43 -1.38
C ARG A 11 1.43 -6.34 -2.03
N ALA A 12 1.44 -6.43 -3.34
CA ALA A 12 2.45 -7.29 -4.01
C ALA A 12 3.83 -6.90 -3.51
N ALA A 13 3.93 -5.74 -2.95
CA ALA A 13 5.23 -5.28 -2.42
C ALA A 13 5.50 -5.97 -1.08
N LEU A 14 4.50 -6.13 -0.24
CA LEU A 14 4.75 -6.81 1.06
C LEU A 14 5.29 -8.21 0.81
N HIS A 15 4.90 -8.83 -0.27
CA HIS A 15 5.42 -10.20 -0.57
C HIS A 15 6.84 -10.09 -1.12
N ASP A 16 7.14 -9.02 -1.79
CA ASP A 16 8.50 -8.84 -2.36
C ASP A 16 9.49 -8.44 -1.26
N LEU A 17 9.01 -8.08 -0.10
CA LEU A 17 9.93 -7.67 1.01
C LEU A 17 10.19 -8.83 1.97
N MET A 18 9.28 -9.75 2.09
CA MET A 18 9.49 -10.91 3.03
C MET A 18 10.13 -12.08 2.27
N THR A 19 10.28 -11.96 0.97
CA THR A 19 10.89 -13.07 0.19
C THR A 19 12.42 -12.90 0.13
N GLY A 20 12.93 -11.80 0.63
CA GLY A 20 14.42 -11.58 0.62
C GLY A 20 14.75 -10.22 -0.01
N LYS A 21 14.19 -9.92 -1.15
CA LYS A 21 14.49 -8.62 -1.80
C LYS A 21 14.18 -7.48 -0.82
N ARG A 22 15.16 -6.70 -0.49
CA ARG A 22 14.96 -5.60 0.49
C ARG A 22 14.51 -4.31 -0.23
N VAL A 23 15.06 -4.03 -1.37
CA VAL A 23 14.67 -2.78 -2.11
C VAL A 23 13.36 -2.98 -2.88
N ALA A 24 12.50 -1.99 -2.84
CA ALA A 24 11.20 -2.10 -3.57
C ALA A 24 10.76 -0.71 -4.03
N THR A 25 10.01 -0.63 -5.11
CA THR A 25 9.54 0.71 -5.63
C THR A 25 8.01 0.72 -5.70
N VAL A 26 7.41 1.89 -5.58
CA VAL A 26 5.92 1.97 -5.65
C VAL A 26 5.52 3.28 -6.31
N GLN A 27 4.71 3.21 -7.33
CA GLN A 27 4.26 4.44 -8.03
C GLN A 27 3.05 5.02 -7.27
N LYS A 28 3.20 6.20 -6.71
CA LYS A 28 2.08 6.83 -5.96
C LYS A 28 1.51 7.97 -6.83
N ASP A 29 0.22 8.21 -6.78
CA ASP A 29 -0.35 9.31 -7.61
C ASP A 29 0.38 10.62 -7.31
N GLY A 30 1.49 10.85 -7.96
CA GLY A 30 2.26 12.11 -7.71
C GLY A 30 3.75 11.83 -7.88
N ARG A 31 4.24 10.76 -7.31
CA ARG A 31 5.69 10.45 -7.45
C ARG A 31 5.99 9.06 -6.88
N ARG A 32 6.89 8.36 -7.52
CA ARG A 32 7.27 7.01 -7.06
C ARG A 32 8.29 7.14 -5.92
N VAL A 33 8.27 6.24 -4.96
CA VAL A 33 9.24 6.32 -3.82
C VAL A 33 9.77 4.92 -3.52
N GLU A 34 11.04 4.84 -3.22
CA GLU A 34 11.69 3.51 -2.93
C GLU A 34 12.10 3.43 -1.46
N PHE A 35 11.64 2.41 -0.75
CA PHE A 35 12.03 2.25 0.70
C PHE A 35 12.60 0.83 0.93
N THR A 36 13.53 0.69 1.85
CA THR A 36 14.12 -0.66 2.13
C THR A 36 13.38 -1.26 3.34
N ALA A 37 13.48 -2.55 3.57
CA ALA A 37 12.75 -3.14 4.75
C ALA A 37 13.03 -2.30 6.00
N THR A 38 13.97 -1.41 5.95
CA THR A 38 14.29 -0.57 7.14
C THR A 38 13.06 0.25 7.54
N SER A 39 12.14 0.46 6.61
CA SER A 39 10.91 1.25 6.91
C SER A 39 9.66 0.47 6.48
N VAL A 40 9.52 -0.75 6.94
CA VAL A 40 8.33 -1.57 6.54
C VAL A 40 7.11 -1.21 7.41
N SER A 41 7.30 -0.47 8.47
CA SER A 41 6.14 -0.09 9.33
C SER A 41 5.29 0.96 8.63
N ASP A 42 5.90 2.00 8.11
CA ASP A 42 5.13 3.06 7.43
C ASP A 42 4.28 2.43 6.31
N LEU A 43 4.75 1.37 5.69
CA LEU A 43 3.94 0.74 4.61
C LEU A 43 2.69 0.12 5.23
N LYS A 44 2.82 -0.46 6.40
CA LYS A 44 1.63 -1.07 7.07
C LYS A 44 0.63 0.04 7.42
N LYS A 45 1.09 1.13 7.98
CA LYS A 45 0.16 2.23 8.35
C LYS A 45 -0.46 2.84 7.08
N TYR A 46 0.32 3.01 6.05
CA TYR A 46 -0.22 3.60 4.80
C TYR A 46 -1.39 2.74 4.30
N ILE A 47 -1.19 1.46 4.18
CA ILE A 47 -2.29 0.57 3.71
C ILE A 47 -3.50 0.75 4.62
N ALA A 48 -3.27 0.79 5.91
CA ALA A 48 -4.40 0.94 6.87
C ALA A 48 -5.15 2.25 6.59
N GLU A 49 -4.44 3.30 6.32
CA GLU A 49 -5.10 4.61 6.04
C GLU A 49 -6.06 4.48 4.86
N LEU A 50 -5.80 3.58 3.96
CA LEU A 50 -6.72 3.43 2.78
C LEU A 50 -7.98 2.67 3.20
N GLU A 51 -7.88 1.74 4.11
CA GLU A 51 -9.08 0.98 4.53
C GLU A 51 -10.09 1.96 5.17
N VAL A 52 -9.60 2.98 5.81
CA VAL A 52 -10.52 3.97 6.45
C VAL A 52 -11.05 4.93 5.38
N GLN A 53 -10.29 5.15 4.34
CA GLN A 53 -10.74 6.07 3.26
C GLN A 53 -11.73 5.32 2.35
N THR A 54 -11.58 4.04 2.20
CA THR A 54 -12.51 3.25 1.34
C THR A 54 -13.77 2.91 2.15
N GLY A 55 -14.06 3.68 3.16
CA GLY A 55 -15.27 3.40 3.98
C GLY A 55 -15.28 4.33 5.20
N MET A 56 -15.25 5.62 4.98
CA MET A 56 -15.26 6.57 6.13
C MET A 56 -16.68 6.70 6.68
N THR A 57 -17.66 6.75 5.81
CA THR A 57 -19.08 6.87 6.27
C THR A 57 -19.97 5.97 5.44
N GLN A 58 -19.84 6.02 4.14
CA GLN A 58 -20.68 5.15 3.27
C GLN A 58 -20.20 5.28 1.82
N ARG A 59 -20.98 4.78 0.88
CA ARG A 59 -20.56 4.86 -0.54
C ARG A 59 -21.73 4.46 -1.44
N ARG A 60 -21.55 4.55 -2.73
CA ARG A 60 -22.66 4.17 -3.66
C ARG A 60 -22.12 4.11 -5.09
N ARG A 61 -21.42 5.14 -5.51
CA ARG A 61 -20.87 5.14 -6.89
C ARG A 61 -19.91 3.95 -7.06
N GLY A 62 -20.21 3.06 -7.97
CA GLY A 62 -19.32 1.89 -8.18
C GLY A 62 -17.95 2.37 -8.64
N MET A 1 -14.68 2.70 -8.95
CA MET A 1 -13.67 2.23 -7.96
C MET A 1 -12.28 2.21 -8.63
N VAL A 2 -11.28 2.67 -7.93
CA VAL A 2 -9.90 2.66 -8.51
C VAL A 2 -8.88 2.44 -7.40
N ARG A 3 -9.05 3.10 -6.28
CA ARG A 3 -8.09 2.93 -5.15
C ARG A 3 -7.89 1.44 -4.89
N GLN A 4 -8.92 0.66 -5.03
CA GLN A 4 -8.79 -0.81 -4.79
C GLN A 4 -7.62 -1.36 -5.60
N GLU A 5 -7.37 -0.81 -6.76
CA GLU A 5 -6.25 -1.31 -7.60
C GLU A 5 -4.91 -0.84 -7.03
N GLU A 6 -4.79 0.43 -6.72
CA GLU A 6 -3.51 0.94 -6.17
C GLU A 6 -3.16 0.18 -4.88
N LEU A 7 -4.12 -0.45 -4.26
CA LEU A 7 -3.83 -1.21 -3.01
C LEU A 7 -3.17 -2.54 -3.39
N ALA A 8 -3.75 -3.25 -4.31
CA ALA A 8 -3.16 -4.56 -4.72
C ALA A 8 -1.70 -4.37 -5.12
N ALA A 9 -1.33 -3.18 -5.55
CA ALA A 9 0.08 -2.94 -5.97
C ALA A 9 0.97 -2.80 -4.74
N ALA A 10 0.65 -1.88 -3.85
CA ALA A 10 1.50 -1.72 -2.64
C ALA A 10 1.51 -3.06 -1.90
N ARG A 11 0.45 -3.80 -2.03
CA ARG A 11 0.39 -5.14 -1.38
C ARG A 11 1.43 -6.05 -2.04
N ALA A 12 1.44 -6.11 -3.35
CA ALA A 12 2.42 -6.98 -4.05
C ALA A 12 3.81 -6.65 -3.54
N ALA A 13 3.95 -5.50 -2.95
CA ALA A 13 5.27 -5.09 -2.42
C ALA A 13 5.51 -5.79 -1.08
N LEU A 14 4.49 -5.95 -0.27
CA LEU A 14 4.72 -6.64 1.05
C LEU A 14 5.22 -8.06 0.77
N HIS A 15 4.83 -8.65 -0.33
CA HIS A 15 5.30 -10.03 -0.65
C HIS A 15 6.74 -9.96 -1.16
N ASP A 16 7.08 -8.90 -1.83
CA ASP A 16 8.46 -8.76 -2.37
C ASP A 16 9.45 -8.39 -1.25
N LEU A 17 8.95 -7.94 -0.13
CA LEU A 17 9.86 -7.55 0.99
C LEU A 17 10.02 -8.71 1.99
N MET A 18 9.08 -9.62 2.02
CA MET A 18 9.18 -10.77 2.96
C MET A 18 9.89 -11.95 2.25
N THR A 19 10.12 -11.85 0.98
CA THR A 19 10.78 -12.97 0.25
C THR A 19 12.30 -12.80 0.28
N GLY A 20 12.78 -11.69 0.81
CA GLY A 20 14.26 -11.46 0.89
C GLY A 20 14.61 -10.15 0.19
N LYS A 21 14.14 -9.95 -1.01
CA LYS A 21 14.46 -8.68 -1.73
C LYS A 21 14.13 -7.50 -0.83
N ARG A 22 15.11 -6.75 -0.43
CA ARG A 22 14.87 -5.60 0.47
C ARG A 22 14.49 -4.34 -0.32
N VAL A 23 15.12 -4.11 -1.43
CA VAL A 23 14.81 -2.88 -2.23
C VAL A 23 13.52 -3.08 -3.04
N ALA A 24 12.64 -2.11 -3.01
CA ALA A 24 11.36 -2.22 -3.79
C ALA A 24 10.92 -0.81 -4.23
N THR A 25 10.20 -0.72 -5.31
CA THR A 25 9.73 0.61 -5.82
C THR A 25 8.20 0.65 -5.81
N VAL A 26 7.62 1.83 -5.68
CA VAL A 26 6.13 1.93 -5.68
C VAL A 26 5.71 3.23 -6.35
N GLN A 27 4.86 3.14 -7.33
CA GLN A 27 4.39 4.37 -8.03
C GLN A 27 3.21 4.97 -7.25
N LYS A 28 3.38 6.16 -6.73
CA LYS A 28 2.28 6.82 -5.95
C LYS A 28 1.71 7.96 -6.81
N ASP A 29 0.43 8.21 -6.73
CA ASP A 29 -0.15 9.31 -7.55
C ASP A 29 0.61 10.61 -7.27
N GLY A 30 1.69 10.83 -7.97
CA GLY A 30 2.49 12.06 -7.75
C GLY A 30 3.98 11.76 -8.00
N ARG A 31 4.48 10.70 -7.43
CA ARG A 31 5.92 10.36 -7.64
C ARG A 31 6.23 8.98 -7.07
N ARG A 32 7.11 8.28 -7.70
CA ARG A 32 7.51 6.92 -7.24
C ARG A 32 8.58 7.06 -6.14
N VAL A 33 8.60 6.17 -5.18
CA VAL A 33 9.64 6.27 -4.09
C VAL A 33 10.12 4.86 -3.74
N GLU A 34 11.37 4.75 -3.40
CA GLU A 34 11.98 3.43 -3.06
C GLU A 34 12.06 3.24 -1.53
N PHE A 35 11.50 2.17 -1.02
CA PHE A 35 11.56 1.90 0.47
C PHE A 35 12.32 0.59 0.70
N THR A 36 13.07 0.51 1.77
CA THR A 36 13.83 -0.75 2.09
C THR A 36 13.17 -1.38 3.33
N ALA A 37 13.39 -2.65 3.61
CA ALA A 37 12.73 -3.26 4.80
C ALA A 37 13.04 -2.44 6.06
N THR A 38 13.97 -1.54 5.98
CA THR A 38 14.32 -0.72 7.17
C THR A 38 13.11 0.11 7.62
N SER A 39 12.20 0.38 6.71
CA SER A 39 10.98 1.18 7.05
C SER A 39 9.72 0.46 6.58
N VAL A 40 9.55 -0.78 6.99
CA VAL A 40 8.34 -1.53 6.55
C VAL A 40 7.11 -1.16 7.42
N SER A 41 7.32 -0.45 8.51
CA SER A 41 6.18 -0.07 9.37
C SER A 41 5.34 1.00 8.69
N ASP A 42 5.95 2.03 8.18
CA ASP A 42 5.18 3.11 7.51
C ASP A 42 4.30 2.51 6.42
N LEU A 43 4.76 1.48 5.74
CA LEU A 43 3.92 0.88 4.67
C LEU A 43 2.69 0.26 5.31
N LYS A 44 2.83 -0.30 6.48
CA LYS A 44 1.65 -0.90 7.17
C LYS A 44 0.66 0.21 7.54
N LYS A 45 1.13 1.31 8.07
CA LYS A 45 0.22 2.41 8.45
C LYS A 45 -0.42 3.02 7.20
N TYR A 46 0.33 3.18 6.16
CA TYR A 46 -0.24 3.76 4.91
C TYR A 46 -1.38 2.88 4.41
N ILE A 47 -1.15 1.61 4.28
CA ILE A 47 -2.24 0.70 3.82
C ILE A 47 -3.45 0.88 4.72
N ALA A 48 -3.25 0.89 6.00
CA ALA A 48 -4.38 1.05 6.95
C ALA A 48 -5.17 2.31 6.62
N GLU A 49 -4.51 3.39 6.31
CA GLU A 49 -5.23 4.65 5.99
C GLU A 49 -6.18 4.43 4.81
N LEU A 50 -5.86 3.53 3.91
CA LEU A 50 -6.76 3.29 2.75
C LEU A 50 -7.93 2.40 3.16
N GLU A 51 -7.74 1.53 4.11
CA GLU A 51 -8.87 0.66 4.54
C GLU A 51 -9.99 1.52 5.13
N VAL A 52 -9.64 2.63 5.73
CA VAL A 52 -10.68 3.51 6.32
C VAL A 52 -11.28 4.39 5.22
N GLN A 53 -10.52 4.73 4.22
CA GLN A 53 -11.07 5.59 3.12
C GLN A 53 -11.87 4.73 2.15
N THR A 54 -11.43 3.53 1.88
CA THR A 54 -12.16 2.63 0.94
C THR A 54 -13.16 1.78 1.73
N GLY A 55 -13.46 2.15 2.94
CA GLY A 55 -14.41 1.36 3.76
C GLY A 55 -14.95 2.24 4.88
N MET A 56 -16.25 2.41 4.94
CA MET A 56 -16.84 3.26 6.01
C MET A 56 -18.32 2.93 6.15
N THR A 57 -18.72 2.44 7.30
CA THR A 57 -20.16 2.09 7.49
C THR A 57 -20.44 1.91 8.99
N GLN A 58 -19.43 1.53 9.74
CA GLN A 58 -19.64 1.33 11.20
C GLN A 58 -19.60 2.69 11.91
N ARG A 59 -19.71 2.69 13.21
CA ARG A 59 -19.68 3.98 13.96
C ARG A 59 -19.57 3.72 15.45
N ARG A 60 -19.32 2.49 15.83
CA ARG A 60 -19.20 2.17 17.28
C ARG A 60 -17.97 2.86 17.86
N ARG A 61 -17.50 2.43 19.00
CA ARG A 61 -16.30 3.05 19.63
C ARG A 61 -16.64 4.47 20.10
N GLY A 62 -17.45 5.18 19.37
CA GLY A 62 -17.82 6.57 19.78
C GLY A 62 -16.55 7.42 19.85
N MET A 1 -12.58 2.70 -7.52
CA MET A 1 -12.06 1.61 -8.41
C MET A 1 -10.54 1.73 -8.53
N VAL A 2 -10.05 2.85 -8.96
CA VAL A 2 -8.57 3.02 -9.09
C VAL A 2 -7.91 2.63 -7.77
N ARG A 3 -8.35 3.18 -6.68
CA ARG A 3 -7.74 2.83 -5.36
C ARG A 3 -7.68 1.31 -5.22
N GLN A 4 -8.66 0.63 -5.74
CA GLN A 4 -8.66 -0.86 -5.65
C GLN A 4 -7.38 -1.39 -6.30
N GLU A 5 -7.00 -0.83 -7.42
CA GLU A 5 -5.78 -1.30 -8.12
C GLU A 5 -4.53 -0.81 -7.37
N GLU A 6 -4.48 0.45 -7.04
CA GLU A 6 -3.28 0.98 -6.32
C GLU A 6 -3.09 0.21 -5.00
N LEU A 7 -4.13 -0.43 -4.51
CA LEU A 7 -3.98 -1.19 -3.24
C LEU A 7 -3.26 -2.51 -3.53
N ALA A 8 -3.68 -3.20 -4.56
CA ALA A 8 -3.03 -4.50 -4.90
C ALA A 8 -1.55 -4.27 -5.24
N ALA A 9 -1.20 -3.09 -5.65
CA ALA A 9 0.22 -2.81 -6.02
C ALA A 9 1.07 -2.66 -4.76
N ALA A 10 0.71 -1.77 -3.87
CA ALA A 10 1.52 -1.61 -2.64
C ALA A 10 1.53 -2.96 -1.90
N ARG A 11 0.48 -3.71 -2.07
CA ARG A 11 0.41 -5.05 -1.42
C ARG A 11 1.44 -5.97 -2.07
N ALA A 12 1.45 -6.05 -3.38
CA ALA A 12 2.43 -6.96 -4.06
C ALA A 12 3.83 -6.63 -3.57
N ALA A 13 3.99 -5.47 -3.02
CA ALA A 13 5.32 -5.07 -2.49
C ALA A 13 5.54 -5.70 -1.13
N LEU A 14 4.51 -5.80 -0.31
CA LEU A 14 4.70 -6.41 1.04
C LEU A 14 5.07 -7.89 0.85
N HIS A 15 4.65 -8.50 -0.22
CA HIS A 15 4.99 -9.92 -0.45
C HIS A 15 6.45 -10.00 -0.93
N ASP A 16 6.88 -9.00 -1.64
CA ASP A 16 8.28 -8.99 -2.16
C ASP A 16 9.26 -8.67 -1.02
N LEU A 17 8.87 -7.83 -0.09
CA LEU A 17 9.80 -7.48 1.02
C LEU A 17 9.89 -8.62 2.04
N MET A 18 8.91 -9.48 2.10
CA MET A 18 8.95 -10.61 3.09
C MET A 18 9.67 -11.81 2.43
N THR A 19 9.92 -11.76 1.16
CA THR A 19 10.59 -12.91 0.48
C THR A 19 12.11 -12.67 0.45
N GLY A 20 12.56 -11.51 0.89
CA GLY A 20 14.03 -11.23 0.90
C GLY A 20 14.33 -9.93 0.14
N LYS A 21 13.72 -9.73 -1.00
CA LYS A 21 13.99 -8.50 -1.78
C LYS A 21 13.86 -7.28 -0.86
N ARG A 22 14.97 -6.73 -0.44
CA ARG A 22 14.92 -5.56 0.47
C ARG A 22 14.55 -4.30 -0.32
N VAL A 23 15.17 -4.09 -1.44
CA VAL A 23 14.86 -2.86 -2.24
C VAL A 23 13.60 -3.08 -3.10
N ALA A 24 12.69 -2.15 -3.10
CA ALA A 24 11.46 -2.28 -3.93
C ALA A 24 10.97 -0.89 -4.35
N THR A 25 10.31 -0.79 -5.47
CA THR A 25 9.81 0.55 -5.95
C THR A 25 8.29 0.61 -5.87
N VAL A 26 7.73 1.79 -5.75
CA VAL A 26 6.24 1.91 -5.68
C VAL A 26 5.81 3.21 -6.38
N GLN A 27 4.92 3.11 -7.32
CA GLN A 27 4.44 4.32 -8.04
C GLN A 27 3.29 4.96 -7.25
N LYS A 28 3.48 6.15 -6.76
CA LYS A 28 2.40 6.84 -5.98
C LYS A 28 1.83 7.98 -6.85
N ASP A 29 0.54 8.25 -6.76
CA ASP A 29 -0.04 9.34 -7.59
C ASP A 29 0.74 10.64 -7.34
N GLY A 30 1.82 10.84 -8.03
CA GLY A 30 2.63 12.08 -7.84
C GLY A 30 4.10 11.76 -8.09
N ARG A 31 4.60 10.70 -7.52
CA ARG A 31 6.03 10.35 -7.74
C ARG A 31 6.34 8.97 -7.16
N ARG A 32 7.21 8.25 -7.79
CA ARG A 32 7.58 6.89 -7.32
C ARG A 32 8.67 7.02 -6.24
N VAL A 33 8.67 6.15 -5.26
CA VAL A 33 9.72 6.22 -4.19
C VAL A 33 10.14 4.81 -3.80
N GLU A 34 11.40 4.64 -3.48
CA GLU A 34 11.93 3.30 -3.13
C GLU A 34 12.12 3.16 -1.60
N PHE A 35 11.47 2.17 -1.00
CA PHE A 35 11.62 1.95 0.48
C PHE A 35 12.34 0.61 0.71
N THR A 36 13.15 0.53 1.73
CA THR A 36 13.88 -0.75 2.04
C THR A 36 13.20 -1.39 3.27
N ALA A 37 13.42 -2.65 3.55
CA ALA A 37 12.76 -3.26 4.74
C ALA A 37 13.02 -2.41 5.99
N THR A 38 13.93 -1.47 5.91
CA THR A 38 14.23 -0.62 7.09
C THR A 38 13.01 0.20 7.48
N SER A 39 12.09 0.41 6.56
CA SER A 39 10.86 1.22 6.86
C SER A 39 9.61 0.47 6.45
N VAL A 40 9.44 -0.75 6.91
CA VAL A 40 8.23 -1.55 6.53
C VAL A 40 7.04 -1.16 7.44
N SER A 41 7.28 -0.42 8.50
CA SER A 41 6.15 -0.02 9.39
C SER A 41 5.31 1.07 8.72
N ASP A 42 5.94 2.10 8.23
CA ASP A 42 5.19 3.20 7.56
C ASP A 42 4.31 2.61 6.44
N LEU A 43 4.75 1.54 5.80
CA LEU A 43 3.92 0.95 4.72
C LEU A 43 2.67 0.33 5.35
N LYS A 44 2.80 -0.23 6.52
CA LYS A 44 1.60 -0.82 7.20
C LYS A 44 0.62 0.30 7.55
N LYS A 45 1.09 1.37 8.12
CA LYS A 45 0.18 2.49 8.49
C LYS A 45 -0.48 3.06 7.23
N TYR A 46 0.27 3.23 6.19
CA TYR A 46 -0.31 3.77 4.92
C TYR A 46 -1.44 2.84 4.44
N ILE A 47 -1.16 1.58 4.33
CA ILE A 47 -2.21 0.63 3.88
C ILE A 47 -3.43 0.76 4.79
N ALA A 48 -3.21 0.69 6.08
CA ALA A 48 -4.35 0.80 7.03
C ALA A 48 -5.15 2.08 6.77
N GLU A 49 -4.49 3.14 6.38
CA GLU A 49 -5.21 4.41 6.12
C GLU A 49 -6.17 4.24 4.94
N LEU A 50 -5.87 3.35 4.04
CA LEU A 50 -6.78 3.15 2.86
C LEU A 50 -7.93 2.21 3.25
N GLU A 51 -7.70 1.27 4.11
CA GLU A 51 -8.80 0.35 4.51
C GLU A 51 -9.89 1.13 5.23
N VAL A 52 -9.53 2.17 5.93
CA VAL A 52 -10.54 2.98 6.66
C VAL A 52 -11.19 3.98 5.71
N GLN A 53 -10.46 4.43 4.71
CA GLN A 53 -11.04 5.42 3.77
C GLN A 53 -11.93 4.70 2.75
N THR A 54 -11.57 3.51 2.37
CA THR A 54 -12.40 2.75 1.38
C THR A 54 -13.45 1.93 2.12
N GLY A 55 -13.90 2.40 3.26
CA GLY A 55 -14.93 1.65 4.02
C GLY A 55 -15.27 2.41 5.30
N MET A 56 -16.20 3.33 5.22
CA MET A 56 -16.59 4.11 6.45
C MET A 56 -17.82 3.47 7.09
N THR A 57 -17.79 3.28 8.38
CA THR A 57 -18.96 2.66 9.08
C THR A 57 -19.22 1.28 8.48
N GLN A 58 -18.42 0.85 7.55
CA GLN A 58 -18.64 -0.50 6.94
C GLN A 58 -18.41 -1.57 8.00
N ARG A 59 -19.42 -2.33 8.29
CA ARG A 59 -19.28 -3.40 9.33
C ARG A 59 -18.49 -4.57 8.73
N ARG A 60 -18.83 -4.97 7.53
CA ARG A 60 -18.09 -6.10 6.89
C ARG A 60 -16.69 -5.63 6.49
N ARG A 61 -16.13 -6.20 5.45
CA ARG A 61 -14.77 -5.79 4.99
C ARG A 61 -14.73 -5.78 3.46
N GLY A 62 -15.69 -5.16 2.84
CA GLY A 62 -15.71 -5.12 1.35
C GLY A 62 -14.49 -4.35 0.84
N MET A 1 -13.02 3.10 -10.58
CA MET A 1 -12.26 3.26 -9.31
C MET A 1 -10.76 3.28 -9.62
N VAL A 2 -9.95 3.63 -8.65
CA VAL A 2 -8.48 3.68 -8.88
C VAL A 2 -7.75 3.33 -7.58
N ARG A 3 -8.25 3.78 -6.47
CA ARG A 3 -7.59 3.47 -5.17
C ARG A 3 -7.51 1.95 -5.00
N GLN A 4 -8.44 1.23 -5.55
CA GLN A 4 -8.41 -0.26 -5.42
C GLN A 4 -7.16 -0.80 -6.12
N GLU A 5 -6.80 -0.23 -7.24
CA GLU A 5 -5.60 -0.72 -7.97
C GLU A 5 -4.34 -0.29 -7.24
N GLU A 6 -4.23 0.96 -6.87
CA GLU A 6 -3.01 1.42 -6.16
C GLU A 6 -2.80 0.57 -4.90
N LEU A 7 -3.83 -0.09 -4.42
CA LEU A 7 -3.66 -0.92 -3.20
C LEU A 7 -2.97 -2.24 -3.59
N ALA A 8 -3.46 -2.89 -4.61
CA ALA A 8 -2.84 -4.18 -5.04
C ALA A 8 -1.35 -3.97 -5.32
N ALA A 9 -0.97 -2.76 -5.64
CA ALA A 9 0.48 -2.49 -5.94
C ALA A 9 1.28 -2.44 -4.64
N ALA A 10 0.87 -1.62 -3.71
CA ALA A 10 1.62 -1.55 -2.43
C ALA A 10 1.56 -2.92 -1.77
N ARG A 11 0.52 -3.65 -2.01
CA ARG A 11 0.39 -5.00 -1.41
C ARG A 11 1.42 -5.92 -2.08
N ALA A 12 1.47 -5.96 -3.39
CA ALA A 12 2.45 -6.83 -4.08
C ALA A 12 3.83 -6.52 -3.55
N ALA A 13 3.97 -5.40 -2.93
CA ALA A 13 5.28 -5.00 -2.36
C ALA A 13 5.50 -5.71 -1.02
N LEU A 14 4.46 -5.89 -0.24
CA LEU A 14 4.67 -6.58 1.08
C LEU A 14 5.16 -8.01 0.82
N HIS A 15 4.74 -8.62 -0.26
CA HIS A 15 5.20 -10.01 -0.54
C HIS A 15 6.63 -9.97 -1.07
N ASP A 16 6.97 -8.95 -1.81
CA ASP A 16 8.35 -8.85 -2.37
C ASP A 16 9.34 -8.41 -1.29
N LEU A 17 8.87 -7.91 -0.17
CA LEU A 17 9.82 -7.47 0.91
C LEU A 17 10.07 -8.60 1.91
N MET A 18 9.15 -9.52 2.05
CA MET A 18 9.36 -10.64 3.02
C MET A 18 10.04 -11.81 2.33
N THR A 19 10.22 -11.76 1.03
CA THR A 19 10.88 -12.89 0.32
C THR A 19 12.40 -12.68 0.29
N GLY A 20 12.87 -11.55 0.77
CA GLY A 20 14.34 -11.28 0.80
C GLY A 20 14.66 -9.95 0.10
N LYS A 21 14.14 -9.75 -1.08
CA LYS A 21 14.42 -8.46 -1.80
C LYS A 21 14.07 -7.30 -0.89
N ARG A 22 15.06 -6.60 -0.40
CA ARG A 22 14.80 -5.47 0.52
C ARG A 22 14.36 -4.24 -0.27
N VAL A 23 15.04 -3.92 -1.35
CA VAL A 23 14.65 -2.72 -2.13
C VAL A 23 13.46 -3.04 -3.05
N ALA A 24 12.48 -2.19 -3.07
CA ALA A 24 11.28 -2.43 -3.94
C ALA A 24 10.83 -1.08 -4.51
N THR A 25 10.19 -1.08 -5.65
CA THR A 25 9.72 0.22 -6.26
C THR A 25 8.20 0.36 -6.04
N VAL A 26 7.72 1.57 -5.92
CA VAL A 26 6.26 1.78 -5.71
C VAL A 26 5.81 3.02 -6.47
N GLN A 27 4.84 2.88 -7.33
CA GLN A 27 4.34 4.06 -8.09
C GLN A 27 3.26 4.77 -7.27
N LYS A 28 3.51 5.99 -6.88
CA LYS A 28 2.51 6.76 -6.08
C LYS A 28 1.96 7.89 -6.96
N ASP A 29 0.71 8.24 -6.83
CA ASP A 29 0.15 9.32 -7.68
C ASP A 29 0.99 10.59 -7.51
N GLY A 30 2.07 10.70 -8.23
CA GLY A 30 2.93 11.91 -8.11
C GLY A 30 4.39 11.53 -8.43
N ARG A 31 4.87 10.45 -7.87
CA ARG A 31 6.28 10.05 -8.15
C ARG A 31 6.54 8.66 -7.57
N ARG A 32 7.40 7.91 -8.21
CA ARG A 32 7.72 6.55 -7.71
C ARG A 32 8.75 6.66 -6.57
N VAL A 33 8.69 5.78 -5.60
CA VAL A 33 9.66 5.86 -4.46
C VAL A 33 10.06 4.45 -4.04
N GLU A 34 11.29 4.29 -3.62
CA GLU A 34 11.80 2.94 -3.21
C GLU A 34 12.02 2.87 -1.69
N PHE A 35 11.15 2.20 -0.96
CA PHE A 35 11.34 2.06 0.51
C PHE A 35 12.07 0.74 0.78
N THR A 36 12.97 0.72 1.73
CA THR A 36 13.71 -0.55 2.05
C THR A 36 13.05 -1.18 3.30
N ALA A 37 13.27 -2.44 3.58
CA ALA A 37 12.60 -3.04 4.78
C ALA A 37 12.90 -2.21 6.03
N THR A 38 13.83 -1.30 5.95
CA THR A 38 14.18 -0.48 7.14
C THR A 38 12.94 0.28 7.63
N SER A 39 12.00 0.55 6.76
CA SER A 39 10.76 1.28 7.16
C SER A 39 9.52 0.53 6.68
N VAL A 40 9.40 -0.72 7.03
CA VAL A 40 8.20 -1.51 6.58
C VAL A 40 6.99 -1.16 7.47
N SER A 41 7.20 -0.47 8.57
CA SER A 41 6.05 -0.13 9.45
C SER A 41 5.20 0.97 8.80
N ASP A 42 5.83 1.99 8.29
CA ASP A 42 5.05 3.08 7.64
C ASP A 42 4.15 2.48 6.55
N LEU A 43 4.61 1.46 5.86
CA LEU A 43 3.76 0.86 4.80
C LEU A 43 2.52 0.24 5.45
N LYS A 44 2.67 -0.36 6.60
CA LYS A 44 1.49 -0.96 7.28
C LYS A 44 0.51 0.16 7.66
N LYS A 45 1.00 1.24 8.18
CA LYS A 45 0.11 2.35 8.58
C LYS A 45 -0.57 2.94 7.34
N TYR A 46 0.17 3.11 6.28
CA TYR A 46 -0.42 3.68 5.04
C TYR A 46 -1.55 2.77 4.55
N ILE A 47 -1.28 1.50 4.42
CA ILE A 47 -2.34 0.56 3.97
C ILE A 47 -3.56 0.70 4.88
N ALA A 48 -3.35 0.62 6.16
CA ALA A 48 -4.49 0.73 7.12
C ALA A 48 -5.30 2.00 6.83
N GLU A 49 -4.65 3.09 6.55
CA GLU A 49 -5.38 4.35 6.27
C GLU A 49 -6.33 4.16 5.08
N LEU A 50 -6.01 3.28 4.18
CA LEU A 50 -6.91 3.06 3.00
C LEU A 50 -8.07 2.15 3.39
N GLU A 51 -7.86 1.25 4.31
CA GLU A 51 -8.98 0.34 4.71
C GLU A 51 -10.08 1.17 5.37
N VAL A 52 -9.72 2.25 6.02
CA VAL A 52 -10.75 3.10 6.69
C VAL A 52 -11.38 4.03 5.65
N GLN A 53 -10.64 4.39 4.64
CA GLN A 53 -11.21 5.30 3.60
C GLN A 53 -12.25 4.55 2.77
N THR A 54 -12.08 3.26 2.61
CA THR A 54 -13.06 2.47 1.81
C THR A 54 -14.20 2.01 2.74
N GLY A 55 -14.33 2.64 3.87
CA GLY A 55 -15.41 2.25 4.82
C GLY A 55 -15.52 3.30 5.92
N MET A 56 -16.23 4.38 5.67
CA MET A 56 -16.37 5.44 6.71
C MET A 56 -17.13 4.88 7.91
N THR A 57 -16.44 4.34 8.88
CA THR A 57 -17.12 3.78 10.08
C THR A 57 -17.41 4.92 11.06
N GLN A 58 -17.61 6.11 10.57
CA GLN A 58 -17.90 7.25 11.49
C GLN A 58 -18.44 8.43 10.68
N ARG A 59 -19.68 8.76 10.88
CA ARG A 59 -20.28 9.91 10.13
C ARG A 59 -20.27 9.61 8.64
N ARG A 60 -21.35 9.89 7.95
CA ARG A 60 -21.39 9.61 6.49
C ARG A 60 -22.58 10.34 5.87
N ARG A 61 -22.45 10.80 4.65
CA ARG A 61 -23.57 11.52 4.00
C ARG A 61 -24.78 10.57 3.85
N GLY A 62 -25.20 10.32 2.64
CA GLY A 62 -26.36 9.41 2.43
C GLY A 62 -26.47 9.07 0.95
N MET A 1 -14.20 4.01 -8.50
CA MET A 1 -12.98 4.03 -7.66
C MET A 1 -11.80 3.44 -8.45
N VAL A 2 -10.60 3.64 -7.97
CA VAL A 2 -9.41 3.09 -8.69
C VAL A 2 -8.34 2.70 -7.67
N ARG A 3 -8.44 3.22 -6.47
CA ARG A 3 -7.43 2.89 -5.43
C ARG A 3 -7.43 1.38 -5.18
N GLN A 4 -8.49 0.71 -5.55
CA GLN A 4 -8.55 -0.77 -5.34
C GLN A 4 -7.34 -1.42 -6.01
N GLU A 5 -7.05 -1.04 -7.22
CA GLU A 5 -5.90 -1.66 -7.94
C GLU A 5 -4.59 -1.20 -7.29
N GLU A 6 -4.47 0.06 -6.97
CA GLU A 6 -3.22 0.55 -6.34
C GLU A 6 -2.97 -0.19 -5.02
N LEU A 7 -3.99 -0.81 -4.46
CA LEU A 7 -3.79 -1.56 -3.19
C LEU A 7 -3.14 -2.92 -3.50
N ALA A 8 -3.68 -3.63 -4.44
CA ALA A 8 -3.09 -4.96 -4.79
C ALA A 8 -1.62 -4.79 -5.17
N ALA A 9 -1.24 -3.63 -5.63
CA ALA A 9 0.18 -3.41 -6.02
C ALA A 9 1.04 -3.22 -4.77
N ALA A 10 0.70 -2.28 -3.93
CA ALA A 10 1.50 -2.08 -2.70
C ALA A 10 1.49 -3.38 -1.90
N ARG A 11 0.44 -4.14 -2.03
CA ARG A 11 0.37 -5.43 -1.31
C ARG A 11 1.39 -6.39 -1.93
N ALA A 12 1.39 -6.53 -3.24
CA ALA A 12 2.37 -7.46 -3.88
C ALA A 12 3.77 -7.10 -3.39
N ALA A 13 3.91 -5.92 -2.88
CA ALA A 13 5.21 -5.47 -2.36
C ALA A 13 5.47 -6.11 -0.99
N LEU A 14 4.47 -6.18 -0.14
CA LEU A 14 4.71 -6.80 1.19
C LEU A 14 5.23 -8.23 0.98
N HIS A 15 4.86 -8.84 -0.11
CA HIS A 15 5.34 -10.22 -0.38
C HIS A 15 6.79 -10.17 -0.85
N ASP A 16 7.15 -9.16 -1.58
CA ASP A 16 8.55 -9.04 -2.08
C ASP A 16 9.49 -8.60 -0.95
N LEU A 17 8.99 -7.83 -0.02
CA LEU A 17 9.87 -7.35 1.09
C LEU A 17 10.07 -8.48 2.12
N MET A 18 9.16 -9.41 2.19
CA MET A 18 9.29 -10.53 3.18
C MET A 18 10.02 -11.72 2.54
N THR A 19 10.16 -11.72 1.23
CA THR A 19 10.84 -12.88 0.56
C THR A 19 12.35 -12.61 0.45
N GLY A 20 12.80 -11.44 0.83
CA GLY A 20 14.27 -11.13 0.76
C GLY A 20 14.49 -9.82 0.00
N LYS A 21 13.92 -9.69 -1.17
CA LYS A 21 14.12 -8.44 -1.95
C LYS A 21 13.79 -7.24 -1.04
N ARG A 22 14.80 -6.58 -0.53
CA ARG A 22 14.55 -5.43 0.38
C ARG A 22 14.15 -4.19 -0.42
N VAL A 23 14.81 -3.91 -1.51
CA VAL A 23 14.45 -2.71 -2.31
C VAL A 23 13.26 -3.00 -3.22
N ALA A 24 12.29 -2.12 -3.24
CA ALA A 24 11.09 -2.32 -4.12
C ALA A 24 10.61 -0.97 -4.63
N THR A 25 9.99 -0.94 -5.79
CA THR A 25 9.50 0.36 -6.36
C THR A 25 7.97 0.45 -6.22
N VAL A 26 7.46 1.60 -5.87
CA VAL A 26 5.98 1.75 -5.74
C VAL A 26 5.58 3.17 -6.14
N GLN A 27 4.60 3.29 -6.98
CA GLN A 27 4.14 4.65 -7.41
C GLN A 27 3.20 5.22 -6.35
N LYS A 28 3.57 6.33 -5.76
CA LYS A 28 2.71 6.96 -4.71
C LYS A 28 2.08 8.23 -5.30
N ASP A 29 0.87 8.57 -4.93
CA ASP A 29 0.23 9.79 -5.49
C ASP A 29 1.21 10.96 -5.43
N GLY A 30 2.00 11.15 -6.45
CA GLY A 30 2.99 12.26 -6.45
C GLY A 30 4.26 11.82 -7.19
N ARG A 31 4.85 10.73 -6.78
CA ARG A 31 6.10 10.27 -7.48
C ARG A 31 6.52 8.88 -6.97
N ARG A 32 7.18 8.14 -7.81
CA ARG A 32 7.65 6.78 -7.44
C ARG A 32 8.78 6.91 -6.42
N VAL A 33 8.83 6.02 -5.46
CA VAL A 33 9.91 6.06 -4.43
C VAL A 33 10.28 4.63 -4.05
N GLU A 34 11.52 4.41 -3.71
CA GLU A 34 11.98 3.04 -3.34
C GLU A 34 12.23 2.93 -1.83
N PHE A 35 11.33 2.32 -1.09
CA PHE A 35 11.54 2.15 0.38
C PHE A 35 12.19 0.79 0.61
N THR A 36 13.11 0.69 1.55
CA THR A 36 13.77 -0.62 1.83
C THR A 36 13.12 -1.23 3.09
N ALA A 37 13.42 -2.45 3.42
CA ALA A 37 12.81 -3.06 4.64
C ALA A 37 13.08 -2.17 5.85
N THR A 38 13.96 -1.21 5.72
CA THR A 38 14.28 -0.32 6.87
C THR A 38 13.05 0.48 7.28
N SER A 39 12.13 0.70 6.37
CA SER A 39 10.90 1.50 6.69
C SER A 39 9.65 0.71 6.28
N VAL A 40 9.52 -0.51 6.74
CA VAL A 40 8.32 -1.31 6.35
C VAL A 40 7.11 -0.91 7.22
N SER A 41 7.33 -0.14 8.27
CA SER A 41 6.18 0.28 9.12
C SER A 41 5.32 1.31 8.38
N ASP A 42 5.94 2.29 7.79
CA ASP A 42 5.15 3.33 7.05
C ASP A 42 4.27 2.65 6.00
N LEU A 43 4.76 1.60 5.36
CA LEU A 43 3.92 0.92 4.34
C LEU A 43 2.68 0.34 5.03
N LYS A 44 2.82 -0.15 6.24
CA LYS A 44 1.64 -0.70 6.96
C LYS A 44 0.66 0.44 7.26
N LYS A 45 1.16 1.56 7.73
CA LYS A 45 0.25 2.70 8.05
C LYS A 45 -0.43 3.19 6.77
N TYR A 46 0.31 3.29 5.70
CA TYR A 46 -0.28 3.76 4.42
C TYR A 46 -1.43 2.83 4.02
N ILE A 47 -1.19 1.56 3.99
CA ILE A 47 -2.25 0.59 3.62
C ILE A 47 -3.48 0.80 4.51
N ALA A 48 -3.29 0.77 5.80
CA ALA A 48 -4.43 0.94 6.74
C ALA A 48 -5.23 2.20 6.41
N GLU A 49 -4.56 3.28 6.11
CA GLU A 49 -5.29 4.54 5.79
C GLU A 49 -6.24 4.32 4.60
N LEU A 50 -5.89 3.43 3.71
CA LEU A 50 -6.79 3.18 2.53
C LEU A 50 -8.02 2.39 2.97
N GLU A 51 -7.88 1.56 3.97
CA GLU A 51 -9.05 0.77 4.42
C GLU A 51 -10.08 1.68 5.09
N VAL A 52 -9.62 2.73 5.73
CA VAL A 52 -10.57 3.66 6.40
C VAL A 52 -11.26 4.55 5.36
N GLN A 53 -10.59 4.81 4.25
CA GLN A 53 -11.20 5.66 3.20
C GLN A 53 -12.21 4.85 2.38
N THR A 54 -11.94 3.59 2.17
CA THR A 54 -12.88 2.76 1.36
C THR A 54 -14.03 2.29 2.27
N GLY A 55 -14.16 2.88 3.43
CA GLY A 55 -15.26 2.47 4.35
C GLY A 55 -15.12 1.00 4.71
N MET A 56 -14.96 0.70 5.97
CA MET A 56 -14.82 -0.73 6.39
C MET A 56 -15.36 -0.89 7.82
N THR A 57 -16.36 -1.72 7.98
CA THR A 57 -16.95 -1.93 9.34
C THR A 57 -16.34 -3.18 9.96
N GLN A 58 -17.16 -4.08 10.46
CA GLN A 58 -16.63 -5.32 11.07
C GLN A 58 -17.79 -6.28 11.37
N ARG A 59 -18.99 -5.80 11.36
CA ARG A 59 -20.15 -6.67 11.64
C ARG A 59 -19.96 -7.36 13.00
N ARG A 60 -19.74 -6.59 14.03
CA ARG A 60 -19.55 -7.20 15.38
C ARG A 60 -20.89 -7.73 15.90
N ARG A 61 -20.87 -8.74 16.72
CA ARG A 61 -22.15 -9.30 17.26
C ARG A 61 -22.46 -8.63 18.60
N GLY A 62 -21.50 -8.59 19.49
CA GLY A 62 -21.75 -7.95 20.81
C GLY A 62 -22.78 -8.76 21.59
N MET A 1 -11.13 5.71 -8.30
CA MET A 1 -11.19 4.22 -8.32
C MET A 1 -9.79 3.65 -8.54
N VAL A 2 -8.89 4.45 -9.05
CA VAL A 2 -7.50 3.96 -9.28
C VAL A 2 -6.89 3.51 -7.96
N ARG A 3 -7.47 3.91 -6.87
CA ARG A 3 -6.92 3.50 -5.54
C ARG A 3 -7.07 1.99 -5.36
N GLN A 4 -8.10 1.42 -5.91
CA GLN A 4 -8.31 -0.05 -5.79
C GLN A 4 -7.10 -0.78 -6.37
N GLU A 5 -6.72 -0.43 -7.58
CA GLU A 5 -5.54 -1.10 -8.20
C GLU A 5 -4.27 -0.71 -7.46
N GLU A 6 -4.09 0.55 -7.17
CA GLU A 6 -2.87 0.98 -6.46
C GLU A 6 -2.76 0.23 -5.13
N LEU A 7 -3.84 -0.34 -4.64
CA LEU A 7 -3.77 -1.09 -3.36
C LEU A 7 -3.14 -2.46 -3.63
N ALA A 8 -3.64 -3.17 -4.60
CA ALA A 8 -3.08 -4.52 -4.92
C ALA A 8 -1.59 -4.37 -5.23
N ALA A 9 -1.17 -3.21 -5.66
CA ALA A 9 0.27 -3.01 -5.99
C ALA A 9 1.08 -2.86 -4.71
N ALA A 10 0.71 -1.94 -3.86
CA ALA A 10 1.46 -1.78 -2.58
C ALA A 10 1.44 -3.11 -1.85
N ARG A 11 0.39 -3.87 -2.05
CA ARG A 11 0.30 -5.19 -1.39
C ARG A 11 1.34 -6.13 -2.02
N ALA A 12 1.36 -6.22 -3.33
CA ALA A 12 2.35 -7.11 -4.00
C ALA A 12 3.74 -6.77 -3.48
N ALA A 13 3.87 -5.61 -2.92
CA ALA A 13 5.18 -5.16 -2.39
C ALA A 13 5.42 -5.83 -1.04
N LEU A 14 4.40 -5.98 -0.23
CA LEU A 14 4.63 -6.62 1.10
C LEU A 14 5.11 -8.06 0.89
N HIS A 15 4.69 -8.70 -0.17
CA HIS A 15 5.13 -10.10 -0.42
C HIS A 15 6.57 -10.08 -0.95
N ASP A 16 6.92 -9.06 -1.68
CA ASP A 16 8.30 -8.98 -2.23
C ASP A 16 9.29 -8.58 -1.14
N LEU A 17 8.87 -7.79 -0.19
CA LEU A 17 9.82 -7.35 0.88
C LEU A 17 10.07 -8.47 1.89
N MET A 18 9.15 -9.40 2.04
CA MET A 18 9.36 -10.51 3.01
C MET A 18 10.04 -11.69 2.31
N THR A 19 10.17 -11.65 1.01
CA THR A 19 10.83 -12.78 0.29
C THR A 19 12.32 -12.50 0.13
N GLY A 20 12.77 -11.32 0.52
CA GLY A 20 14.23 -10.99 0.40
C GLY A 20 14.42 -9.64 -0.30
N LYS A 21 13.76 -9.42 -1.40
CA LYS A 21 13.94 -8.12 -2.13
C LYS A 21 13.78 -6.98 -1.13
N ARG A 22 14.87 -6.45 -0.64
CA ARG A 22 14.79 -5.33 0.34
C ARG A 22 14.28 -4.07 -0.36
N VAL A 23 14.86 -3.71 -1.47
CA VAL A 23 14.40 -2.47 -2.19
C VAL A 23 13.19 -2.79 -3.07
N ALA A 24 12.18 -1.98 -3.02
CA ALA A 24 10.96 -2.21 -3.87
C ALA A 24 10.47 -0.85 -4.38
N THR A 25 9.88 -0.83 -5.55
CA THR A 25 9.38 0.48 -6.12
C THR A 25 7.86 0.55 -5.97
N VAL A 26 7.33 1.72 -5.67
CA VAL A 26 5.86 1.87 -5.53
C VAL A 26 5.45 3.27 -5.99
N GLN A 27 4.31 3.36 -6.61
CA GLN A 27 3.81 4.67 -7.11
C GLN A 27 3.08 5.40 -5.97
N LYS A 28 3.75 6.31 -5.31
CA LYS A 28 3.08 7.07 -4.21
C LYS A 28 2.60 8.42 -4.75
N ASP A 29 1.30 8.66 -4.84
CA ASP A 29 0.83 9.97 -5.37
C ASP A 29 1.40 10.17 -6.79
N GLY A 30 1.68 9.10 -7.48
CA GLY A 30 2.22 9.21 -8.87
C GLY A 30 3.75 9.31 -8.83
N ARG A 31 4.31 9.62 -7.69
CA ARG A 31 5.80 9.75 -7.60
C ARG A 31 6.40 8.37 -7.26
N ARG A 32 7.49 8.05 -7.89
CA ARG A 32 8.15 6.72 -7.65
C ARG A 32 9.16 6.85 -6.51
N VAL A 33 9.12 5.96 -5.56
CA VAL A 33 10.09 6.01 -4.42
C VAL A 33 10.46 4.59 -4.01
N GLU A 34 11.68 4.40 -3.58
CA GLU A 34 12.16 3.03 -3.18
C GLU A 34 12.37 2.94 -1.67
N PHE A 35 11.45 2.33 -0.94
CA PHE A 35 11.65 2.18 0.55
C PHE A 35 12.32 0.82 0.80
N THR A 36 13.21 0.75 1.75
CA THR A 36 13.89 -0.55 2.05
C THR A 36 13.19 -1.19 3.26
N ALA A 37 13.39 -2.47 3.52
CA ALA A 37 12.71 -3.10 4.70
C ALA A 37 12.93 -2.24 5.95
N THR A 38 13.82 -1.29 5.89
CA THR A 38 14.09 -0.43 7.08
C THR A 38 12.85 0.39 7.42
N SER A 39 12.03 0.69 6.45
CA SER A 39 10.79 1.51 6.70
C SER A 39 9.56 0.71 6.30
N VAL A 40 9.43 -0.50 6.77
CA VAL A 40 8.23 -1.32 6.41
C VAL A 40 7.03 -0.97 7.32
N SER A 41 7.25 -0.23 8.38
CA SER A 41 6.12 0.13 9.28
C SER A 41 5.24 1.19 8.60
N ASP A 42 5.84 2.23 8.08
CA ASP A 42 5.03 3.28 7.41
C ASP A 42 4.18 2.64 6.30
N LEU A 43 4.66 1.60 5.67
CA LEU A 43 3.83 0.95 4.60
C LEU A 43 2.60 0.33 5.25
N LYS A 44 2.74 -0.21 6.43
CA LYS A 44 1.57 -0.82 7.12
C LYS A 44 0.56 0.29 7.46
N LYS A 45 1.02 1.39 7.98
CA LYS A 45 0.09 2.49 8.35
C LYS A 45 -0.57 3.06 7.09
N TYR A 46 0.19 3.22 6.04
CA TYR A 46 -0.39 3.75 4.77
C TYR A 46 -1.53 2.83 4.32
N ILE A 47 -1.28 1.56 4.23
CA ILE A 47 -2.34 0.60 3.82
C ILE A 47 -3.53 0.75 4.76
N ALA A 48 -3.27 0.83 6.04
CA ALA A 48 -4.38 0.95 7.02
C ALA A 48 -5.20 2.21 6.74
N GLU A 49 -4.58 3.24 6.25
CA GLU A 49 -5.32 4.50 5.95
C GLU A 49 -6.28 4.28 4.78
N LEU A 50 -6.00 3.35 3.92
CA LEU A 50 -6.90 3.11 2.76
C LEU A 50 -8.05 2.19 3.16
N GLU A 51 -7.82 1.28 4.08
CA GLU A 51 -8.92 0.37 4.49
C GLU A 51 -10.01 1.17 5.22
N VAL A 52 -9.62 2.21 5.92
CA VAL A 52 -10.63 3.03 6.66
C VAL A 52 -11.28 4.03 5.69
N GLN A 53 -10.56 4.46 4.69
CA GLN A 53 -11.15 5.44 3.73
C GLN A 53 -12.04 4.72 2.73
N THR A 54 -11.67 3.53 2.32
CA THR A 54 -12.49 2.78 1.33
C THR A 54 -13.62 2.04 2.07
N GLY A 55 -13.86 2.40 3.30
CA GLY A 55 -14.95 1.74 4.07
C GLY A 55 -16.29 2.35 3.68
N MET A 56 -16.28 3.58 3.24
CA MET A 56 -17.56 4.24 2.84
C MET A 56 -17.98 3.72 1.47
N THR A 57 -19.04 2.95 1.42
CA THR A 57 -19.50 2.40 0.11
C THR A 57 -21.02 2.18 0.15
N GLN A 58 -21.56 1.54 -0.85
CA GLN A 58 -23.03 1.27 -0.87
C GLN A 58 -23.29 -0.16 -0.40
N ARG A 59 -24.24 -0.84 -0.99
CA ARG A 59 -24.53 -2.24 -0.58
C ARG A 59 -25.51 -2.87 -1.56
N ARG A 60 -25.32 -4.13 -1.87
CA ARG A 60 -26.25 -4.81 -2.82
C ARG A 60 -27.67 -4.83 -2.23
N ARG A 61 -28.63 -4.32 -2.94
CA ARG A 61 -30.03 -4.31 -2.43
C ARG A 61 -30.54 -5.75 -2.35
N GLY A 62 -31.80 -5.93 -2.11
CA GLY A 62 -32.36 -7.31 -2.02
C GLY A 62 -32.23 -8.00 -3.37
N MET A 1 -12.51 4.10 -7.21
CA MET A 1 -12.38 2.69 -7.71
C MET A 1 -10.92 2.43 -8.08
N VAL A 2 -10.23 3.43 -8.56
CA VAL A 2 -8.80 3.22 -8.94
C VAL A 2 -7.98 2.86 -7.69
N ARG A 3 -8.34 3.40 -6.56
CA ARG A 3 -7.58 3.09 -5.31
C ARG A 3 -7.55 1.57 -5.12
N GLN A 4 -8.46 0.86 -5.73
CA GLN A 4 -8.47 -0.62 -5.57
C GLN A 4 -7.23 -1.22 -6.22
N GLU A 5 -6.86 -0.73 -7.38
CA GLU A 5 -5.66 -1.26 -8.07
C GLU A 5 -4.38 -0.80 -7.34
N GLU A 6 -4.38 0.41 -6.85
CA GLU A 6 -3.17 0.90 -6.14
C GLU A 6 -2.99 0.12 -4.83
N LEU A 7 -4.02 -0.50 -4.33
CA LEU A 7 -3.88 -1.28 -3.06
C LEU A 7 -3.20 -2.61 -3.37
N ALA A 8 -3.69 -3.31 -4.35
CA ALA A 8 -3.08 -4.63 -4.71
C ALA A 8 -1.59 -4.44 -5.04
N ALA A 9 -1.22 -3.25 -5.45
CA ALA A 9 0.20 -2.99 -5.79
C ALA A 9 1.03 -2.87 -4.51
N ALA A 10 0.65 -1.99 -3.62
CA ALA A 10 1.42 -1.85 -2.35
C ALA A 10 1.41 -3.19 -1.64
N ARG A 11 0.38 -3.98 -1.86
CA ARG A 11 0.31 -5.30 -1.22
C ARG A 11 1.33 -6.23 -1.89
N ALA A 12 1.34 -6.28 -3.21
CA ALA A 12 2.33 -7.15 -3.90
C ALA A 12 3.71 -6.81 -3.40
N ALA A 13 3.83 -5.66 -2.82
CA ALA A 13 5.14 -5.22 -2.26
C ALA A 13 5.41 -5.96 -0.95
N LEU A 14 4.41 -6.11 -0.11
CA LEU A 14 4.66 -6.83 1.17
C LEU A 14 5.20 -8.23 0.86
N HIS A 15 4.81 -8.79 -0.25
CA HIS A 15 5.31 -10.14 -0.63
C HIS A 15 6.74 -10.01 -1.15
N ASP A 16 7.03 -8.91 -1.80
CA ASP A 16 8.40 -8.71 -2.37
C ASP A 16 9.38 -8.33 -1.25
N LEU A 17 8.91 -7.75 -0.19
CA LEU A 17 9.83 -7.35 0.93
C LEU A 17 10.08 -8.54 1.87
N MET A 18 9.20 -9.50 1.90
CA MET A 18 9.39 -10.66 2.82
C MET A 18 10.14 -11.78 2.07
N THR A 19 10.35 -11.65 0.79
CA THR A 19 11.06 -12.72 0.04
C THR A 19 12.58 -12.45 0.04
N GLY A 20 13.00 -11.33 0.57
CA GLY A 20 14.46 -10.99 0.61
C GLY A 20 14.71 -9.65 -0.07
N LYS A 21 14.19 -9.46 -1.26
CA LYS A 21 14.41 -8.16 -1.95
C LYS A 21 13.99 -7.04 -1.02
N ARG A 22 14.94 -6.28 -0.53
CA ARG A 22 14.60 -5.18 0.42
C ARG A 22 14.15 -3.92 -0.33
N VAL A 23 14.81 -3.59 -1.42
CA VAL A 23 14.41 -2.36 -2.16
C VAL A 23 13.18 -2.65 -3.04
N ALA A 24 12.21 -1.78 -3.02
CA ALA A 24 10.98 -1.98 -3.86
C ALA A 24 10.52 -0.63 -4.41
N THR A 25 9.84 -0.64 -5.53
CA THR A 25 9.35 0.65 -6.13
C THR A 25 7.85 0.80 -5.88
N VAL A 26 7.35 2.00 -5.80
CA VAL A 26 5.89 2.21 -5.56
C VAL A 26 5.41 3.47 -6.28
N GLN A 27 4.34 3.36 -7.01
CA GLN A 27 3.78 4.55 -7.73
C GLN A 27 2.89 5.32 -6.74
N LYS A 28 3.23 6.55 -6.45
CA LYS A 28 2.41 7.36 -5.48
C LYS A 28 2.22 8.79 -6.02
N ASP A 29 1.00 9.26 -6.20
CA ASP A 29 0.82 10.65 -6.72
C ASP A 29 1.69 10.86 -7.94
N GLY A 30 1.60 9.99 -8.92
CA GLY A 30 2.44 10.15 -10.14
C GLY A 30 3.89 10.38 -9.74
N ARG A 31 4.36 9.69 -8.74
CA ARG A 31 5.79 9.86 -8.31
C ARG A 31 6.30 8.55 -7.72
N ARG A 32 7.48 8.16 -8.12
CA ARG A 32 8.07 6.87 -7.66
C ARG A 32 8.90 7.08 -6.38
N VAL A 33 8.89 6.11 -5.50
CA VAL A 33 9.71 6.19 -4.25
C VAL A 33 10.22 4.80 -3.93
N GLU A 34 11.41 4.71 -3.38
CA GLU A 34 12.02 3.38 -3.05
C GLU A 34 12.13 3.18 -1.54
N PHE A 35 11.24 2.40 -0.94
CA PHE A 35 11.33 2.14 0.53
C PHE A 35 12.08 0.81 0.74
N THR A 36 12.87 0.71 1.79
CA THR A 36 13.60 -0.56 2.07
C THR A 36 12.96 -1.24 3.29
N ALA A 37 13.35 -2.45 3.61
CA ALA A 37 12.74 -3.12 4.80
C ALA A 37 13.05 -2.33 6.08
N THR A 38 13.94 -1.38 5.99
CA THR A 38 14.29 -0.58 7.21
C THR A 38 13.04 0.09 7.78
N SER A 39 12.05 0.33 6.96
CA SER A 39 10.79 0.99 7.46
C SER A 39 9.55 0.24 6.95
N VAL A 40 9.46 -1.03 7.20
CA VAL A 40 8.28 -1.81 6.73
C VAL A 40 7.05 -1.48 7.60
N SER A 41 7.26 -0.81 8.71
CA SER A 41 6.11 -0.45 9.59
C SER A 41 5.27 0.65 8.95
N ASP A 42 5.91 1.66 8.44
CA ASP A 42 5.14 2.78 7.80
C ASP A 42 4.24 2.19 6.70
N LEU A 43 4.70 1.20 5.99
CA LEU A 43 3.85 0.61 4.91
C LEU A 43 2.61 -0.02 5.55
N LYS A 44 2.77 -0.60 6.72
CA LYS A 44 1.59 -1.22 7.41
C LYS A 44 0.58 -0.14 7.80
N LYS A 45 1.06 0.98 8.30
CA LYS A 45 0.12 2.07 8.71
C LYS A 45 -0.52 2.70 7.46
N TYR A 46 0.24 2.88 6.42
CA TYR A 46 -0.32 3.49 5.18
C TYR A 46 -1.44 2.58 4.63
N ILE A 47 -1.21 1.31 4.59
CA ILE A 47 -2.26 0.38 4.09
C ILE A 47 -3.53 0.56 4.92
N ALA A 48 -3.42 0.45 6.21
CA ALA A 48 -4.62 0.59 7.09
C ALA A 48 -5.34 1.90 6.77
N GLU A 49 -4.63 2.95 6.53
CA GLU A 49 -5.29 4.26 6.22
C GLU A 49 -6.18 4.11 4.99
N LEU A 50 -5.84 3.23 4.09
CA LEU A 50 -6.69 3.06 2.87
C LEU A 50 -7.97 2.30 3.23
N GLU A 51 -7.91 1.43 4.20
CA GLU A 51 -9.13 0.66 4.59
C GLU A 51 -10.16 1.63 5.19
N VAL A 52 -9.70 2.69 5.81
CA VAL A 52 -10.64 3.67 6.42
C VAL A 52 -11.10 4.66 5.35
N GLN A 53 -10.28 4.91 4.37
CA GLN A 53 -10.64 5.86 3.30
C GLN A 53 -11.58 5.18 2.31
N THR A 54 -11.41 3.90 2.09
CA THR A 54 -12.30 3.18 1.13
C THR A 54 -13.53 2.65 1.86
N GLY A 55 -13.88 3.24 2.97
CA GLY A 55 -15.07 2.78 3.72
C GLY A 55 -15.55 3.89 4.65
N MET A 56 -15.23 5.12 4.36
CA MET A 56 -15.66 6.24 5.23
C MET A 56 -17.19 6.32 5.23
N THR A 57 -17.83 5.65 6.17
CA THR A 57 -19.31 5.69 6.23
C THR A 57 -19.77 5.43 7.66
N GLN A 58 -19.99 4.20 8.02
CA GLN A 58 -20.43 3.89 9.41
C GLN A 58 -19.97 2.48 9.80
N ARG A 59 -20.35 2.01 10.95
CA ARG A 59 -19.93 0.65 11.37
C ARG A 59 -20.70 0.23 12.63
N ARG A 60 -20.24 -0.78 13.31
CA ARG A 60 -20.95 -1.23 14.54
C ARG A 60 -20.92 -0.10 15.59
N ARG A 61 -21.81 -0.15 16.54
CA ARG A 61 -21.84 0.90 17.59
C ARG A 61 -21.88 2.28 16.92
N GLY A 62 -22.99 2.62 16.33
CA GLY A 62 -23.10 3.95 15.65
C GLY A 62 -23.09 5.05 16.72
N MET A 1 -11.97 3.25 -9.06
CA MET A 1 -11.08 4.06 -8.18
C MET A 1 -9.65 3.53 -8.26
N VAL A 2 -8.69 4.41 -8.37
CA VAL A 2 -7.28 3.95 -8.46
C VAL A 2 -6.83 3.38 -7.11
N ARG A 3 -7.48 3.79 -6.05
CA ARG A 3 -7.10 3.25 -4.71
C ARG A 3 -7.28 1.74 -4.69
N GLN A 4 -8.20 1.22 -5.45
CA GLN A 4 -8.42 -0.25 -5.47
C GLN A 4 -7.22 -0.93 -6.12
N GLU A 5 -6.83 -0.48 -7.29
CA GLU A 5 -5.67 -1.12 -7.98
C GLU A 5 -4.38 -0.75 -7.24
N GLU A 6 -4.26 0.47 -6.78
CA GLU A 6 -3.03 0.88 -6.06
C GLU A 6 -2.92 0.08 -4.75
N LEU A 7 -4.01 -0.50 -4.28
CA LEU A 7 -3.94 -1.29 -3.03
C LEU A 7 -3.29 -2.64 -3.32
N ALA A 8 -3.76 -3.30 -4.35
CA ALA A 8 -3.17 -4.63 -4.69
C ALA A 8 -1.69 -4.46 -5.05
N ALA A 9 -1.30 -3.29 -5.47
CA ALA A 9 0.12 -3.06 -5.85
C ALA A 9 0.98 -2.93 -4.60
N ALA A 10 0.65 -2.03 -3.71
CA ALA A 10 1.46 -1.88 -2.48
C ALA A 10 1.43 -3.22 -1.73
N ARG A 11 0.37 -3.96 -1.89
CA ARG A 11 0.28 -5.27 -1.22
C ARG A 11 1.31 -6.22 -1.87
N ALA A 12 1.31 -6.29 -3.19
CA ALA A 12 2.28 -7.19 -3.87
C ALA A 12 3.68 -6.85 -3.37
N ALA A 13 3.81 -5.69 -2.80
CA ALA A 13 5.12 -5.27 -2.27
C ALA A 13 5.38 -5.98 -0.93
N LEU A 14 4.39 -6.11 -0.09
CA LEU A 14 4.62 -6.80 1.21
C LEU A 14 5.14 -8.21 0.91
N HIS A 15 4.75 -8.79 -0.19
CA HIS A 15 5.25 -10.15 -0.54
C HIS A 15 6.68 -10.05 -1.07
N ASP A 16 6.99 -8.97 -1.73
CA ASP A 16 8.36 -8.78 -2.28
C ASP A 16 9.35 -8.41 -1.17
N LEU A 17 8.88 -7.77 -0.12
CA LEU A 17 9.79 -7.37 0.98
C LEU A 17 10.02 -8.54 1.95
N MET A 18 9.13 -9.49 1.99
CA MET A 18 9.29 -10.64 2.92
C MET A 18 10.01 -11.80 2.20
N THR A 19 10.22 -11.70 0.92
CA THR A 19 10.90 -12.82 0.18
C THR A 19 12.41 -12.59 0.18
N GLY A 20 12.88 -11.48 0.69
CA GLY A 20 14.35 -11.20 0.73
C GLY A 20 14.64 -9.86 0.04
N LYS A 21 14.14 -9.68 -1.15
CA LYS A 21 14.40 -8.40 -1.87
C LYS A 21 13.99 -7.25 -0.95
N ARG A 22 14.92 -6.43 -0.56
CA ARG A 22 14.58 -5.31 0.38
C ARG A 22 14.17 -4.04 -0.39
N VAL A 23 14.76 -3.78 -1.53
CA VAL A 23 14.38 -2.55 -2.29
C VAL A 23 13.14 -2.83 -3.15
N ALA A 24 12.19 -1.92 -3.12
CA ALA A 24 10.94 -2.11 -3.94
C ALA A 24 10.51 -0.77 -4.52
N THR A 25 9.82 -0.78 -5.64
CA THR A 25 9.37 0.49 -6.29
C THR A 25 7.85 0.65 -6.10
N VAL A 26 7.39 1.87 -5.91
CA VAL A 26 5.92 2.09 -5.71
C VAL A 26 5.52 3.44 -6.31
N GLN A 27 4.46 3.45 -7.06
CA GLN A 27 3.98 4.72 -7.67
C GLN A 27 3.14 5.48 -6.64
N LYS A 28 3.55 6.66 -6.27
CA LYS A 28 2.79 7.46 -5.25
C LYS A 28 2.68 8.92 -5.70
N ASP A 29 1.48 9.49 -5.76
CA ASP A 29 1.37 10.92 -6.19
C ASP A 29 2.15 11.14 -7.49
N GLY A 30 1.85 10.36 -8.49
CA GLY A 30 2.57 10.52 -9.80
C GLY A 30 4.08 10.63 -9.55
N ARG A 31 4.57 9.97 -8.54
CA ARG A 31 6.04 10.04 -8.24
C ARG A 31 6.49 8.71 -7.63
N ARG A 32 7.57 8.19 -8.13
CA ARG A 32 8.10 6.88 -7.64
C ARG A 32 9.01 7.07 -6.42
N VAL A 33 8.96 6.14 -5.51
CA VAL A 33 9.84 6.20 -4.30
C VAL A 33 10.25 4.77 -3.94
N GLU A 34 11.43 4.60 -3.41
CA GLU A 34 11.93 3.23 -3.06
C GLU A 34 12.15 3.09 -1.54
N PHE A 35 11.24 2.43 -0.84
CA PHE A 35 11.44 2.22 0.64
C PHE A 35 12.10 0.86 0.82
N THR A 36 13.00 0.74 1.75
CA THR A 36 13.67 -0.59 1.99
C THR A 36 13.02 -1.24 3.22
N ALA A 37 13.34 -2.48 3.50
CA ALA A 37 12.72 -3.15 4.69
C ALA A 37 12.99 -2.30 5.95
N THR A 38 13.86 -1.33 5.85
CA THR A 38 14.17 -0.48 7.03
C THR A 38 12.92 0.32 7.43
N SER A 39 12.01 0.54 6.52
CA SER A 39 10.77 1.32 6.83
C SER A 39 9.53 0.50 6.46
N VAL A 40 9.43 -0.71 6.94
CA VAL A 40 8.25 -1.56 6.58
C VAL A 40 7.06 -1.23 7.52
N SER A 41 7.29 -0.50 8.58
CA SER A 41 6.15 -0.15 9.49
C SER A 41 5.27 0.90 8.83
N ASP A 42 5.86 1.95 8.33
CA ASP A 42 5.04 3.02 7.68
C ASP A 42 4.20 2.40 6.56
N LEU A 43 4.68 1.35 5.92
CA LEU A 43 3.87 0.73 4.83
C LEU A 43 2.61 0.13 5.47
N LYS A 44 2.74 -0.43 6.64
CA LYS A 44 1.54 -1.02 7.31
C LYS A 44 0.54 0.11 7.64
N LYS A 45 1.01 1.19 8.20
CA LYS A 45 0.09 2.31 8.56
C LYS A 45 -0.53 2.89 7.29
N TYR A 46 0.25 3.06 6.26
CA TYR A 46 -0.29 3.62 4.99
C TYR A 46 -1.44 2.75 4.50
N ILE A 47 -1.21 1.47 4.39
CA ILE A 47 -2.29 0.56 3.92
C ILE A 47 -3.52 0.74 4.81
N ALA A 48 -3.33 0.73 6.10
CA ALA A 48 -4.48 0.87 7.04
C ALA A 48 -5.29 2.13 6.70
N GLU A 49 -4.63 3.22 6.44
CA GLU A 49 -5.36 4.48 6.14
C GLU A 49 -6.27 4.28 4.92
N LEU A 50 -5.90 3.41 4.01
CA LEU A 50 -6.76 3.20 2.81
C LEU A 50 -7.94 2.28 3.17
N GLU A 51 -7.75 1.37 4.09
CA GLU A 51 -8.87 0.48 4.47
C GLU A 51 -9.98 1.31 5.13
N VAL A 52 -9.61 2.37 5.78
CA VAL A 52 -10.64 3.23 6.45
C VAL A 52 -11.32 4.11 5.39
N GLN A 53 -10.60 4.47 4.34
CA GLN A 53 -11.21 5.32 3.30
C GLN A 53 -12.24 4.51 2.50
N THR A 54 -11.95 3.25 2.26
CA THR A 54 -12.90 2.38 1.49
C THR A 54 -13.61 1.43 2.47
N GLY A 55 -13.64 1.77 3.73
CA GLY A 55 -14.32 0.87 4.71
C GLY A 55 -13.57 -0.46 4.76
N MET A 56 -13.77 -1.29 3.77
CA MET A 56 -13.07 -2.61 3.76
C MET A 56 -13.44 -3.40 5.02
N THR A 57 -13.28 -4.70 4.98
CA THR A 57 -13.61 -5.52 6.17
C THR A 57 -15.01 -5.13 6.69
N GLN A 58 -16.03 -5.36 5.92
CA GLN A 58 -17.40 -5.00 6.36
C GLN A 58 -18.42 -5.60 5.40
N ARG A 59 -19.43 -6.25 5.92
CA ARG A 59 -20.46 -6.85 5.04
C ARG A 59 -21.63 -7.36 5.88
N ARG A 60 -22.81 -7.39 5.33
CA ARG A 60 -23.99 -7.87 6.10
C ARG A 60 -25.17 -8.05 5.16
N ARG A 61 -25.00 -8.80 4.10
CA ARG A 61 -26.11 -9.02 3.15
C ARG A 61 -26.72 -7.68 2.76
N GLY A 62 -26.01 -6.89 1.99
CA GLY A 62 -26.55 -5.56 1.57
C GLY A 62 -27.79 -5.76 0.69
#